data_3HS6
#
_entry.id   3HS6
#
_cell.length_a   121.851
_cell.length_b   132.336
_cell.length_c   180.290
_cell.angle_alpha   90.00
_cell.angle_beta   90.00
_cell.angle_gamma   90.00
#
_symmetry.space_group_name_H-M   'I 2 2 2'
#
loop_
_entity.id
_entity.type
_entity.pdbx_description
1 polymer 'Prostaglandin G/H synthase 2'
2 branched 2-acetamido-2-deoxy-beta-D-glucopyranose-(1-4)-2-acetamido-2-deoxy-beta-D-glucopyranose
3 branched alpha-D-mannopyranose-(1-4)-2-acetamido-2-deoxy-beta-D-glucopyranose-(1-4)-2-acetamido-2-deoxy-beta-D-glucopyranose
4 branched 2-acetamido-2-deoxy-alpha-D-glucopyranose-(1-4)-2-acetamido-2-deoxy-beta-D-glucopyranose
5 non-polymer '5,8,11,14,17-EICOSAPENTAENOIC ACID'
6 non-polymer 'ACRYLIC ACID'
7 non-polymer 'PROTOPORPHYRIN IX CONTAINING CO'
8 non-polymer 2-acetamido-2-deoxy-beta-D-glucopyranose
9 non-polymer 'octyl beta-D-glucopyranoside'
10 non-polymer 1,2-ETHANEDIOL
11 water water
#
_entity_poly.entity_id   1
_entity_poly.type   'polypeptide(L)'
_entity_poly.pdbx_seq_one_letter_code
;HHHHHHPCCSNPCQNRGECMSTGFDQYKCDCTRTGFYGENCTTPEFLTRIKLLLKPTPNTVHYILTHFKGVWNIVNNIPF
LRSLIMKYVLTSRSYLIDSPPTYNVHYGYKSWEAFSNLSYYTRALPPVADDCPTPMGVKGNKELPDSKEVLEKVLLRREF
IPDPQGSNMMFAFFAQHFTHQFFKTDHKRGPGFTRGLGHGVDLNHIYGETLDRQHKLRLFKDGKLKYQVIGGEVYPPTVK
DTQVEMIYPPHIPENLQFAVGQEVFGLVPGLMMYATIWLREHNRVCDILKQEHPEWGDEQLFQTSRLILIGETIKIVIED
YVQHLSGYHFKLKFDPELLFNQQFQYQNRIASEFNTLYHWHPLLPDTFNIEDQEYSFKQFLYNNSILLEHGLTQFVESFT
RQIAGRVAGGRNVPIAVQAVAKASIDQSREMKYQSLNEYRKRFSLKPYTSFEELTGEKEMAAELKALYSDIDVMELYPAL
LVEKPRPDAIFGETMVELGAPFSLKGLMGNPICSPQYWKPSTFGGEVGFKIINTASIQSLICNNVKGCPFTSFNVQDPQP
TKTATIAASASHSRLDDINPTVLIKRRSTEL
;
_entity_poly.pdbx_strand_id   A,B
#
loop_
_chem_comp.id
_chem_comp.type
_chem_comp.name
_chem_comp.formula
AKR non-polymer 'ACRYLIC ACID' 'C3 H4 O2'
BOG D-saccharide 'octyl beta-D-glucopyranoside' 'C14 H28 O6'
COH non-polymer 'PROTOPORPHYRIN IX CONTAINING CO' 'C34 H32 Co N4 O4'
EDO non-polymer 1,2-ETHANEDIOL 'C2 H6 O2'
EPA non-polymer '5,8,11,14,17-EICOSAPENTAENOIC ACID' 'C20 H30 O2'
MAN D-saccharide, alpha linking alpha-D-mannopyranose 'C6 H12 O6'
NAG D-saccharide, beta linking 2-acetamido-2-deoxy-beta-D-glucopyranose 'C8 H15 N O6'
NDG D-saccharide, alpha linking 2-acetamido-2-deoxy-alpha-D-glucopyranose 'C8 H15 N O6'
#
# COMPACT_ATOMS: atom_id res chain seq x y z
N HIS A 5 -18.37 31.53 6.03
CA HIS A 5 -17.15 30.73 5.77
C HIS A 5 -17.04 29.48 6.63
N HIS A 6 -16.17 28.56 6.23
CA HIS A 6 -15.92 27.32 6.98
C HIS A 6 -15.51 27.62 8.42
N PRO A 7 -16.24 27.06 9.39
CA PRO A 7 -15.96 27.33 10.81
C PRO A 7 -14.63 26.75 11.32
N CYS A 8 -13.97 25.96 10.50
CA CYS A 8 -12.64 25.44 10.85
C CYS A 8 -11.48 26.32 10.33
N CYS A 9 -11.83 27.40 9.63
CA CYS A 9 -10.86 28.31 9.02
C CYS A 9 -9.78 28.81 9.98
N SER A 10 -10.12 28.96 11.26
CA SER A 10 -9.17 29.47 12.25
C SER A 10 -8.27 28.37 12.85
N ASN A 11 -8.42 27.14 12.37
CA ASN A 11 -7.71 25.97 12.91
C ASN A 11 -7.81 25.87 14.43
N PRO A 12 -9.05 25.79 14.97
CA PRO A 12 -9.21 25.81 16.42
C PRO A 12 -8.66 24.57 17.13
N CYS A 13 -8.69 23.42 16.47
CA CYS A 13 -8.33 22.15 17.11
C CYS A 13 -6.82 21.98 17.20
N GLN A 14 -6.34 21.71 18.40
CA GLN A 14 -4.91 21.66 18.69
C GLN A 14 -4.46 20.23 18.93
N ASN A 15 -3.15 20.03 18.96
CA ASN A 15 -2.53 18.75 19.32
C ASN A 15 -3.00 17.54 18.49
N ARG A 16 -3.16 17.74 17.18
CA ARG A 16 -3.58 16.69 16.24
C ARG A 16 -5.08 16.41 16.30
N GLY A 17 -5.84 17.22 17.04
CA GLY A 17 -7.29 17.09 17.04
C GLY A 17 -7.81 17.36 15.65
N GLU A 18 -8.91 16.74 15.28
CA GLU A 18 -9.46 16.92 13.94
C GLU A 18 -10.72 17.80 13.95
N CYS A 19 -10.76 18.79 13.06
CA CYS A 19 -11.88 19.75 13.04
C CYS A 19 -12.95 19.32 12.04
N MET A 20 -14.20 19.48 12.44
CA MET A 20 -15.36 19.12 11.62
C MET A 20 -16.47 20.15 11.85
N SER A 21 -17.05 20.67 10.78
CA SER A 21 -18.18 21.58 10.92
C SER A 21 -19.44 20.84 11.37
N THR A 22 -20.27 21.54 12.15
CA THR A 22 -21.56 21.03 12.62
C THR A 22 -22.55 22.18 12.47
N GLY A 23 -23.15 22.32 11.30
CA GLY A 23 -23.92 23.51 10.98
C GLY A 23 -23.01 24.58 10.38
N PHE A 24 -23.61 25.69 9.96
CA PHE A 24 -22.88 26.74 9.23
C PHE A 24 -21.89 27.55 10.06
N ASP A 25 -22.17 27.69 11.36
CA ASP A 25 -21.42 28.61 12.21
C ASP A 25 -20.65 27.91 13.34
N GLN A 26 -20.63 26.58 13.32
CA GLN A 26 -20.09 25.79 14.44
C GLN A 26 -19.17 24.65 14.02
N TYR A 27 -18.27 24.28 14.93
CA TYR A 27 -17.35 23.18 14.70
C TYR A 27 -17.30 22.28 15.92
N LYS A 28 -16.79 21.07 15.72
CA LYS A 28 -16.45 20.20 16.82
C LYS A 28 -15.05 19.64 16.60
N CYS A 29 -14.28 19.54 17.67
CA CYS A 29 -12.98 18.92 17.61
C CYS A 29 -13.09 17.46 18.02
N ASP A 30 -12.42 16.59 17.27
CA ASP A 30 -12.32 15.18 17.61
C ASP A 30 -10.92 14.91 18.17
N CYS A 31 -10.85 14.67 19.47
CA CYS A 31 -9.56 14.54 20.18
C CYS A 31 -9.11 13.09 20.40
N THR A 32 -9.76 12.15 19.71
CA THR A 32 -9.44 10.73 19.80
C THR A 32 -7.93 10.47 19.73
N ARG A 33 -7.40 9.83 20.79
CA ARG A 33 -6.00 9.41 20.89
C ARG A 33 -4.94 10.52 20.85
N THR A 34 -5.38 11.77 20.96
CA THR A 34 -4.47 12.91 20.99
C THR A 34 -3.75 13.04 22.34
N GLY A 35 -4.36 12.50 23.39
CA GLY A 35 -3.89 12.69 24.76
C GLY A 35 -4.50 13.93 25.43
N PHE A 36 -5.41 14.61 24.73
CA PHE A 36 -6.03 15.83 25.23
C PHE A 36 -7.56 15.74 25.12
N TYR A 37 -8.24 16.60 25.86
CA TYR A 37 -9.68 16.78 25.75
C TYR A 37 -10.04 18.27 25.91
N GLY A 38 -11.32 18.56 26.09
CA GLY A 38 -11.80 19.94 26.09
C GLY A 38 -12.23 20.33 24.69
N GLU A 39 -12.92 21.47 24.58
CA GLU A 39 -13.47 21.90 23.30
C GLU A 39 -12.45 21.95 22.14
N ASN A 40 -11.21 22.35 22.43
CA ASN A 40 -10.16 22.47 21.40
C ASN A 40 -9.04 21.44 21.50
N CYS A 41 -9.23 20.44 22.35
CA CYS A 41 -8.19 19.42 22.64
C CYS A 41 -6.94 20.08 23.25
N THR A 42 -7.15 21.00 24.19
CA THR A 42 -6.05 21.74 24.81
C THR A 42 -5.76 21.32 26.25
N THR A 43 -6.69 20.57 26.85
CA THR A 43 -6.54 20.09 28.23
C THR A 43 -5.89 18.71 28.29
N PRO A 44 -4.67 18.63 28.86
CA PRO A 44 -3.94 17.37 28.89
C PRO A 44 -4.50 16.35 29.86
N GLU A 45 -4.59 15.10 29.43
CA GLU A 45 -4.83 13.98 30.34
C GLU A 45 -3.66 13.96 31.32
N PHE A 46 -3.80 13.27 32.44
CA PHE A 46 -2.75 13.25 33.43
C PHE A 46 -1.45 12.68 32.87
N LEU A 47 -1.52 11.51 32.23
CA LEU A 47 -0.37 10.86 31.61
C LEU A 47 0.35 11.75 30.60
N THR A 48 -0.43 12.57 29.90
CA THR A 48 0.09 13.47 28.88
C THR A 48 0.93 14.56 29.53
N ARG A 49 0.40 15.14 30.61
CA ARG A 49 1.07 16.20 31.36
C ARG A 49 2.47 15.77 31.82
N ILE A 50 2.59 14.51 32.24
CA ILE A 50 3.86 13.94 32.67
C ILE A 50 4.83 13.79 31.49
N LYS A 51 4.36 13.17 30.41
CA LYS A 51 5.16 12.99 29.19
C LYS A 51 5.71 14.32 28.68
N LEU A 52 4.86 15.35 28.67
CA LEU A 52 5.24 16.68 28.19
C LEU A 52 6.34 17.35 29.00
N LEU A 53 6.33 17.16 30.32
CA LEU A 53 7.36 17.72 31.20
C LEU A 53 8.69 16.99 31.05
N LEU A 54 8.64 15.68 30.82
CA LEU A 54 9.83 14.84 30.76
C LEU A 54 10.50 14.84 29.39
N LYS A 55 9.72 15.11 28.34
CA LYS A 55 10.22 15.08 26.96
C LYS A 55 11.19 16.24 26.68
N PRO A 56 12.43 15.92 26.27
CA PRO A 56 13.38 16.96 25.87
C PRO A 56 13.00 17.55 24.51
N THR A 57 13.31 18.83 24.30
CA THR A 57 13.02 19.51 23.03
C THR A 57 13.98 19.05 21.92
N PRO A 58 13.59 19.23 20.64
CA PRO A 58 14.50 18.87 19.55
C PRO A 58 15.86 19.54 19.61
N ASN A 59 15.91 20.81 20.03
CA ASN A 59 17.16 21.55 20.15
C ASN A 59 18.08 21.02 21.26
N THR A 60 17.49 20.44 22.29
CA THR A 60 18.25 19.80 23.38
C THR A 60 18.86 18.48 22.91
N VAL A 61 18.04 17.66 22.25
CA VAL A 61 18.48 16.37 21.70
C VAL A 61 19.59 16.58 20.64
N HIS A 62 19.40 17.58 19.78
CA HIS A 62 20.44 17.92 18.79
C HIS A 62 21.76 18.31 19.43
N TYR A 63 21.71 19.12 20.49
CA TYR A 63 22.91 19.47 21.24
C TYR A 63 23.63 18.22 21.75
N ILE A 64 22.88 17.33 22.40
CA ILE A 64 23.43 16.08 22.95
C ILE A 64 24.04 15.20 21.85
N LEU A 65 23.44 15.22 20.66
CA LEU A 65 23.91 14.42 19.54
C LEU A 65 25.13 15.03 18.83
N THR A 66 25.36 16.32 19.04
CA THR A 66 26.46 17.04 18.39
C THR A 66 27.53 17.48 19.40
N HIS A 67 27.48 16.89 20.59
CA HIS A 67 28.47 17.13 21.65
C HIS A 67 28.79 15.80 22.33
N PHE A 68 29.59 15.86 23.40
CA PHE A 68 30.02 14.68 24.16
C PHE A 68 30.62 13.59 23.26
N LYS A 69 31.56 13.97 22.40
CA LYS A 69 32.15 13.04 21.42
C LYS A 69 32.73 11.79 22.09
N GLY A 70 33.32 11.97 23.27
CA GLY A 70 33.83 10.86 24.07
C GLY A 70 32.78 9.80 24.35
N VAL A 71 31.57 10.23 24.67
CA VAL A 71 30.46 9.30 24.91
C VAL A 71 30.12 8.53 23.63
N TRP A 72 29.98 9.27 22.54
CA TRP A 72 29.57 8.69 21.25
C TRP A 72 30.63 7.77 20.65
N ASN A 73 31.89 8.06 20.91
CA ASN A 73 32.98 7.17 20.55
C ASN A 73 32.76 5.78 21.13
N ILE A 74 32.43 5.73 22.43
CA ILE A 74 32.10 4.47 23.10
C ILE A 74 30.84 3.81 22.51
N VAL A 75 29.77 4.58 22.41
CA VAL A 75 28.49 4.10 21.87
C VAL A 75 28.64 3.48 20.47
N ASN A 76 29.31 4.20 19.58
CA ASN A 76 29.51 3.76 18.20
C ASN A 76 30.28 2.45 18.05
N ASN A 77 31.00 2.06 19.09
CA ASN A 77 31.82 0.84 19.04
C ASN A 77 31.28 -0.33 19.86
N ILE A 78 30.25 -0.07 20.69
CA ILE A 78 29.48 -1.13 21.33
C ILE A 78 28.21 -1.35 20.49
N PRO A 79 28.22 -2.40 19.62
CA PRO A 79 27.11 -2.64 18.68
C PRO A 79 25.72 -2.72 19.34
N PHE A 80 25.62 -3.37 20.50
CA PHE A 80 24.37 -3.42 21.24
C PHE A 80 23.82 -2.03 21.57
N LEU A 81 24.72 -1.12 21.95
CA LEU A 81 24.34 0.26 22.28
C LEU A 81 23.95 1.06 21.03
N ARG A 82 24.77 0.95 19.98
CA ARG A 82 24.53 1.66 18.74
C ARG A 82 23.14 1.33 18.19
N SER A 83 22.79 0.06 18.22
CA SER A 83 21.46 -0.42 17.85
C SER A 83 20.35 0.14 18.74
N LEU A 84 20.61 0.23 20.04
CA LEU A 84 19.61 0.72 20.99
C LEU A 84 19.30 2.22 20.79
N ILE A 85 20.33 3.03 20.57
CA ILE A 85 20.14 4.46 20.28
C ILE A 85 19.50 4.68 18.90
N MET A 86 19.93 3.91 17.89
CA MET A 86 19.31 4.00 16.57
C MET A 86 17.83 3.65 16.64
N LYS A 87 17.48 2.68 17.49
CA LYS A 87 16.09 2.31 17.73
C LYS A 87 15.28 3.47 18.29
N TYR A 88 15.85 4.21 19.25
CA TYR A 88 15.23 5.45 19.74
C TYR A 88 15.07 6.47 18.60
N VAL A 89 16.13 6.70 17.85
CA VAL A 89 16.13 7.65 16.74
C VAL A 89 15.02 7.35 15.72
N LEU A 90 14.83 6.07 15.41
CA LEU A 90 13.82 5.65 14.45
C LEU A 90 12.39 5.76 14.98
N THR A 91 12.19 5.34 16.23
CA THR A 91 10.84 5.27 16.80
C THR A 91 10.29 6.61 17.32
N SER A 92 11.17 7.50 17.73
CA SER A 92 10.78 8.85 18.15
C SER A 92 9.99 9.62 17.08
N ARG A 93 10.30 9.36 15.81
CA ARG A 93 9.68 10.05 14.70
C ARG A 93 8.63 9.20 13.97
N SER A 94 8.07 8.22 14.69
CA SER A 94 7.14 7.26 14.09
C SER A 94 5.66 7.61 14.29
N TYR A 95 5.34 8.30 15.37
CA TYR A 95 3.95 8.68 15.63
C TYR A 95 3.51 9.89 14.79
N LEU A 96 4.41 10.41 13.95
CA LEU A 96 4.22 11.72 13.33
C LEU A 96 3.69 11.72 11.89
N ILE A 97 3.79 10.59 11.19
CA ILE A 97 3.30 10.51 9.81
C ILE A 97 2.03 9.66 9.71
N ASP A 98 0.95 10.24 9.20
CA ASP A 98 -0.28 9.52 8.89
C ASP A 98 -0.01 8.41 7.87
N SER A 99 -0.29 7.18 8.26
CA SER A 99 0.04 6.00 7.46
C SER A 99 -0.84 4.81 7.89
N PRO A 100 -1.85 4.44 7.07
CA PRO A 100 -2.26 4.92 5.74
C PRO A 100 -2.43 6.44 5.63
N PRO A 101 -2.11 7.01 4.47
CA PRO A 101 -2.18 8.46 4.27
C PRO A 101 -3.61 8.98 4.33
N THR A 102 -3.74 10.29 4.55
CA THR A 102 -5.05 10.93 4.75
C THR A 102 -5.39 12.02 3.71
N TYR A 103 -4.93 13.24 3.94
CA TYR A 103 -5.38 14.40 3.16
C TYR A 103 -4.64 14.57 1.85
N ASN A 104 -5.26 15.32 0.94
CA ASN A 104 -4.56 15.78 -0.26
C ASN A 104 -5.04 17.17 -0.67
N VAL A 105 -4.50 17.72 -1.76
CA VAL A 105 -4.84 19.08 -2.17
C VAL A 105 -6.36 19.28 -2.36
N HIS A 106 -7.05 18.21 -2.75
CA HIS A 106 -8.48 18.28 -3.02
C HIS A 106 -9.36 17.81 -1.86
N TYR A 107 -8.76 17.22 -0.84
CA TYR A 107 -9.53 16.67 0.28
C TYR A 107 -8.98 17.08 1.63
N GLY A 108 -9.73 17.95 2.29
CA GLY A 108 -9.41 18.39 3.65
C GLY A 108 -10.08 17.55 4.72
N TYR A 109 -10.76 16.49 4.31
CA TYR A 109 -11.36 15.50 5.20
C TYR A 109 -10.98 14.15 4.63
N LYS A 110 -10.96 13.10 5.44
CA LYS A 110 -10.64 11.75 4.92
C LYS A 110 -11.69 11.25 3.94
N SER A 111 -11.22 10.63 2.86
CA SER A 111 -12.08 10.10 1.82
C SER A 111 -11.39 8.97 1.09
N TRP A 112 -12.19 8.10 0.47
CA TRP A 112 -11.64 7.00 -0.30
C TRP A 112 -10.89 7.46 -1.55
N GLU A 113 -11.32 8.58 -2.14
CA GLU A 113 -10.58 9.16 -3.24
C GLU A 113 -9.17 9.54 -2.79
N ALA A 114 -9.05 10.26 -1.67
CA ALA A 114 -7.73 10.68 -1.20
C ALA A 114 -6.85 9.46 -0.85
N PHE A 115 -7.41 8.43 -0.24
CA PHE A 115 -6.64 7.23 0.04
C PHE A 115 -6.21 6.45 -1.21
N SER A 116 -7.11 6.28 -2.16
CA SER A 116 -6.88 5.31 -3.23
C SER A 116 -6.20 5.85 -4.49
N ASN A 117 -6.20 7.16 -4.67
CA ASN A 117 -5.73 7.75 -5.92
C ASN A 117 -4.26 8.14 -5.78
N LEU A 118 -3.39 7.37 -6.43
CA LEU A 118 -1.95 7.50 -6.26
C LEU A 118 -1.35 8.66 -7.04
N SER A 119 -2.15 9.30 -7.88
CA SER A 119 -1.67 10.45 -8.66
C SER A 119 -1.41 11.68 -7.81
N TYR A 120 -2.08 11.77 -6.66
CA TYR A 120 -1.90 12.89 -5.75
C TYR A 120 -0.67 12.71 -4.86
N TYR A 121 0.00 13.82 -4.57
CA TYR A 121 0.81 13.88 -3.37
C TYR A 121 -0.14 13.88 -2.17
N THR A 122 0.23 13.21 -1.09
CA THR A 122 -0.56 13.31 0.13
C THR A 122 -0.22 14.62 0.88
N ARG A 123 -0.94 14.91 1.96
CA ARG A 123 -0.76 16.16 2.70
C ARG A 123 -0.69 15.89 4.20
N ALA A 124 0.37 16.37 4.84
CA ALA A 124 0.51 16.25 6.29
C ALA A 124 -0.48 17.16 7.02
N LEU A 125 -0.90 18.25 6.36
CA LEU A 125 -2.00 19.08 6.86
C LEU A 125 -3.02 19.32 5.74
N PRO A 126 -4.32 19.32 6.09
CA PRO A 126 -5.34 19.62 5.09
C PRO A 126 -5.20 21.04 4.53
N PRO A 127 -5.66 21.26 3.28
CA PRO A 127 -5.61 22.61 2.74
C PRO A 127 -6.50 23.57 3.54
N VAL A 128 -6.17 24.86 3.48
CA VAL A 128 -7.06 25.91 3.95
C VAL A 128 -8.31 25.85 3.06
N ALA A 129 -9.49 25.90 3.67
CA ALA A 129 -10.75 25.84 2.93
C ALA A 129 -10.88 26.98 1.90
N ASP A 130 -11.61 26.71 0.83
CA ASP A 130 -11.75 27.66 -0.27
C ASP A 130 -12.31 29.04 0.09
N ASP A 131 -13.18 29.09 1.09
CA ASP A 131 -13.93 30.32 1.38
C ASP A 131 -13.46 31.11 2.61
N CYS A 132 -12.37 30.65 3.22
CA CYS A 132 -11.76 31.37 4.35
C CYS A 132 -11.58 32.85 4.01
N PRO A 133 -11.87 33.75 4.98
CA PRO A 133 -11.79 35.18 4.72
C PRO A 133 -10.36 35.68 4.56
N THR A 134 -9.40 34.78 4.76
CA THR A 134 -7.99 35.13 4.71
C THR A 134 -7.20 33.95 4.11
N PRO A 135 -6.07 34.23 3.41
CA PRO A 135 -5.30 33.15 2.77
C PRO A 135 -4.91 32.01 3.71
N MET A 136 -4.56 32.32 4.97
CA MET A 136 -4.18 31.31 5.94
C MET A 136 -5.31 30.88 6.86
N GLY A 137 -6.48 31.45 6.65
CA GLY A 137 -7.64 31.12 7.44
C GLY A 137 -8.39 32.35 7.87
N VAL A 138 -7.91 32.95 8.93
CA VAL A 138 -8.59 34.02 9.62
C VAL A 138 -7.66 35.18 10.03
N LYS A 139 -6.40 34.92 10.31
CA LYS A 139 -5.41 35.96 10.67
C LYS A 139 -4.71 36.59 9.46
N GLY A 140 -4.06 37.72 9.66
CA GLY A 140 -3.32 38.39 8.59
C GLY A 140 -4.18 39.23 7.67
N ASN A 141 -3.55 39.75 6.61
CA ASN A 141 -4.24 40.61 5.65
C ASN A 141 -5.06 39.81 4.64
N LYS A 142 -5.88 40.52 3.85
CA LYS A 142 -6.73 39.89 2.84
C LYS A 142 -5.89 39.23 1.75
N GLU A 143 -4.74 39.84 1.45
CA GLU A 143 -3.77 39.25 0.54
C GLU A 143 -2.44 39.00 1.24
N LEU A 144 -1.81 37.87 0.89
CA LEU A 144 -0.41 37.64 1.22
C LEU A 144 0.46 38.62 0.42
N PRO A 145 1.70 38.88 0.88
CA PRO A 145 2.64 39.73 0.14
C PRO A 145 2.94 39.19 -1.26
N ASP A 146 3.24 40.08 -2.20
CA ASP A 146 3.69 39.70 -3.54
C ASP A 146 4.87 38.75 -3.39
N SER A 147 4.80 37.62 -4.09
CA SER A 147 5.85 36.59 -3.94
C SER A 147 7.22 37.02 -4.46
N LYS A 148 7.22 37.86 -5.51
CA LYS A 148 8.44 38.44 -6.05
C LYS A 148 9.16 39.27 -4.98
N GLU A 149 8.37 39.99 -4.18
CA GLU A 149 8.89 40.83 -3.12
C GLU A 149 9.50 40.00 -2.00
N VAL A 150 8.83 38.91 -1.61
CA VAL A 150 9.38 38.00 -0.62
C VAL A 150 10.70 37.41 -1.13
N LEU A 151 10.68 36.90 -2.35
CA LEU A 151 11.85 36.31 -3.02
C LEU A 151 13.05 37.26 -3.03
N GLU A 152 12.83 38.48 -3.52
CA GLU A 152 13.92 39.46 -3.64
C GLU A 152 14.47 39.97 -2.32
N LYS A 153 13.60 40.20 -1.33
CA LYS A 153 14.05 40.81 -0.07
C LYS A 153 14.80 39.86 0.86
N VAL A 154 14.38 38.59 0.90
CA VAL A 154 14.91 37.66 1.90
C VAL A 154 15.42 36.32 1.36
N LEU A 155 15.20 36.05 0.07
CA LEU A 155 15.57 34.74 -0.50
C LEU A 155 16.76 34.75 -1.45
N LEU A 156 16.79 35.70 -2.38
CA LEU A 156 17.84 35.75 -3.40
C LEU A 156 19.23 36.03 -2.82
N ARG A 157 20.22 35.33 -3.39
CA ARG A 157 21.61 35.44 -2.99
C ARG A 157 22.19 36.80 -3.37
N ARG A 158 22.85 37.46 -2.43
CA ARG A 158 23.65 38.62 -2.78
C ARG A 158 25.06 38.06 -2.96
N GLU A 159 25.67 37.69 -1.83
CA GLU A 159 26.96 37.04 -1.83
C GLU A 159 26.76 35.56 -1.55
N PHE A 160 27.56 34.71 -2.19
CA PHE A 160 27.49 33.27 -1.97
C PHE A 160 27.82 32.91 -0.53
N ILE A 161 26.87 32.30 0.17
CA ILE A 161 27.08 31.83 1.53
C ILE A 161 27.35 30.33 1.52
N PRO A 162 28.60 29.94 1.88
CA PRO A 162 29.03 28.53 1.88
C PRO A 162 28.40 27.75 3.03
N ASP A 163 28.13 26.46 2.80
CA ASP A 163 27.67 25.60 3.86
C ASP A 163 28.74 25.37 4.94
N PRO A 164 28.51 25.90 6.16
CA PRO A 164 29.47 25.67 7.25
C PRO A 164 29.66 24.18 7.59
N GLN A 165 28.69 23.34 7.25
CA GLN A 165 28.86 21.90 7.45
C GLN A 165 29.73 21.25 6.37
N GLY A 166 30.07 22.00 5.32
CA GLY A 166 31.04 21.55 4.32
C GLY A 166 30.52 20.66 3.21
N SER A 167 29.21 20.70 2.97
CA SER A 167 28.60 19.94 1.87
C SER A 167 29.25 20.29 0.54
N ASN A 168 29.57 19.26 -0.24
CA ASN A 168 30.17 19.47 -1.55
C ASN A 168 29.16 19.26 -2.68
N MET A 169 29.62 19.39 -3.92
CA MET A 169 28.77 19.16 -5.09
C MET A 169 28.40 17.70 -5.32
N MET A 170 29.17 16.77 -4.73
CA MET A 170 28.77 15.36 -4.74
C MET A 170 27.49 15.16 -3.93
N PHE A 171 27.40 15.83 -2.78
CA PHE A 171 26.19 15.82 -1.96
C PHE A 171 25.00 16.46 -2.67
N ALA A 172 25.23 17.64 -3.24
CA ALA A 172 24.19 18.42 -3.91
C ALA A 172 23.57 17.67 -5.11
N PHE A 173 24.41 17.07 -5.95
CA PHE A 173 23.90 16.28 -7.07
C PHE A 173 23.30 14.94 -6.63
N PHE A 174 23.84 14.36 -5.54
CA PHE A 174 23.25 13.14 -5.00
C PHE A 174 21.82 13.42 -4.52
N ALA A 175 21.65 14.55 -3.83
CA ALA A 175 20.34 14.98 -3.33
C ALA A 175 19.37 15.13 -4.48
N GLN A 176 19.82 15.77 -5.55
CA GLN A 176 18.95 16.06 -6.68
C GLN A 176 18.60 14.78 -7.45
N HIS A 177 19.59 13.91 -7.64
CA HIS A 177 19.40 12.62 -8.33
C HIS A 177 18.46 11.71 -7.55
N PHE A 178 18.72 11.58 -6.24
CA PHE A 178 17.92 10.75 -5.34
C PHE A 178 16.46 11.18 -5.29
N THR A 179 16.21 12.47 -5.03
CA THR A 179 14.84 12.93 -4.78
C THR A 179 14.01 12.95 -6.04
N HIS A 180 14.66 13.06 -7.20
CA HIS A 180 13.90 13.12 -8.44
C HIS A 180 13.29 11.80 -8.90
N GLN A 181 13.56 10.72 -8.17
CA GLN A 181 12.80 9.49 -8.37
C GLN A 181 11.40 9.60 -7.73
N PHE A 182 11.27 10.35 -6.65
CA PHE A 182 9.95 10.42 -5.98
C PHE A 182 9.24 11.78 -5.97
N PHE A 183 9.97 12.84 -6.29
CA PHE A 183 9.35 14.13 -6.59
C PHE A 183 9.31 14.26 -8.10
N LYS A 184 8.16 13.96 -8.69
CA LYS A 184 8.01 14.02 -10.13
C LYS A 184 6.66 14.65 -10.42
N THR A 185 6.60 15.95 -10.25
CA THR A 185 5.34 16.69 -10.31
C THR A 185 4.72 16.62 -11.69
N ASP A 186 3.45 16.23 -11.73
CA ASP A 186 2.71 16.17 -12.97
C ASP A 186 2.18 17.55 -13.29
N HIS A 187 3.01 18.35 -13.96
CA HIS A 187 2.68 19.74 -14.26
C HIS A 187 1.45 19.89 -15.15
N LYS A 188 1.19 18.90 -16.00
CA LYS A 188 -0.03 18.90 -16.83
C LYS A 188 -1.31 18.86 -15.98
N ARG A 189 -1.24 18.20 -14.82
CA ARG A 189 -2.39 18.13 -13.92
C ARG A 189 -2.37 19.24 -12.86
N GLY A 190 -1.19 19.57 -12.35
CA GLY A 190 -1.06 20.58 -11.31
C GLY A 190 -0.02 20.21 -10.27
N PRO A 191 0.40 21.18 -9.44
CA PRO A 191 1.44 20.97 -8.41
C PRO A 191 1.09 19.93 -7.34
N GLY A 192 -0.18 19.60 -7.17
CA GLY A 192 -0.57 18.61 -6.17
C GLY A 192 -0.55 17.17 -6.66
N PHE A 193 0.03 16.96 -7.85
CA PHE A 193 0.02 15.67 -8.51
C PHE A 193 1.41 15.15 -8.84
N THR A 194 1.59 13.85 -8.71
CA THR A 194 2.88 13.20 -8.99
C THR A 194 2.78 12.13 -10.10
N ARG A 195 3.90 11.93 -10.80
CA ARG A 195 4.03 10.86 -11.79
C ARG A 195 4.80 9.69 -11.21
N GLY A 196 5.25 9.84 -9.98
CA GLY A 196 5.98 8.78 -9.29
C GLY A 196 5.05 7.93 -8.45
N LEU A 197 4.36 7.00 -9.09
CA LEU A 197 3.30 6.24 -8.43
C LEU A 197 3.81 5.20 -7.44
N GLY A 198 5.10 4.88 -7.50
CA GLY A 198 5.71 3.97 -6.53
C GLY A 198 5.84 4.64 -5.17
N HIS A 199 5.74 5.96 -5.17
CA HIS A 199 5.80 6.77 -3.93
C HIS A 199 7.00 6.47 -3.02
N GLY A 200 8.19 6.38 -3.61
CA GLY A 200 9.38 6.11 -2.81
C GLY A 200 10.61 5.67 -3.57
N VAL A 201 11.43 4.88 -2.90
CA VAL A 201 12.73 4.46 -3.43
C VAL A 201 12.54 3.18 -4.24
N ASP A 202 12.08 3.34 -5.48
CA ASP A 202 11.89 2.21 -6.38
C ASP A 202 12.92 2.21 -7.49
N LEU A 203 13.76 3.23 -7.48
CA LEU A 203 14.79 3.47 -8.49
C LEU A 203 14.24 3.60 -9.91
N ASN A 204 13.04 4.14 -10.05
CA ASN A 204 12.46 4.41 -11.36
C ASN A 204 13.31 5.41 -12.15
N HIS A 205 14.09 6.24 -11.46
CA HIS A 205 15.00 7.20 -12.10
C HIS A 205 16.17 6.52 -12.79
N ILE A 206 16.33 5.23 -12.52
CA ILE A 206 17.31 4.41 -13.20
C ILE A 206 16.60 3.48 -14.18
N TYR A 207 15.49 2.88 -13.73
CA TYR A 207 14.84 1.80 -14.48
C TYR A 207 13.62 2.20 -15.32
N GLY A 208 13.07 3.39 -15.07
CA GLY A 208 11.85 3.82 -15.74
C GLY A 208 10.61 3.59 -14.89
N GLU A 209 9.65 4.50 -14.99
CA GLU A 209 8.40 4.43 -14.24
C GLU A 209 7.47 3.33 -14.78
N THR A 210 7.43 3.14 -16.09
CA THR A 210 6.59 2.11 -16.69
C THR A 210 7.38 0.92 -17.19
N LEU A 211 6.70 -0.22 -17.36
CA LEU A 211 7.29 -1.43 -17.93
C LEU A 211 7.78 -1.23 -19.37
N ASP A 212 7.04 -0.45 -20.16
CA ASP A 212 7.45 -0.06 -21.52
C ASP A 212 8.82 0.59 -21.53
N ARG A 213 9.01 1.54 -20.62
CA ARG A 213 10.27 2.26 -20.51
C ARG A 213 11.42 1.34 -20.06
N GLN A 214 11.19 0.59 -18.99
CA GLN A 214 12.17 -0.39 -18.53
C GLN A 214 12.64 -1.31 -19.67
N HIS A 215 11.68 -1.89 -20.39
CA HIS A 215 12.01 -2.87 -21.42
C HIS A 215 12.76 -2.25 -22.60
N LYS A 216 12.58 -0.96 -22.82
CA LYS A 216 13.35 -0.23 -23.83
C LYS A 216 14.78 0.07 -23.36
N LEU A 217 15.00 0.08 -22.04
CA LEU A 217 16.32 0.40 -21.49
C LEU A 217 17.13 -0.84 -21.19
N ARG A 218 16.48 -2.00 -21.20
CA ARG A 218 17.15 -3.26 -20.86
C ARG A 218 17.85 -3.91 -22.06
N LEU A 219 18.96 -4.58 -21.78
CA LEU A 219 19.69 -5.30 -22.80
C LEU A 219 19.03 -6.64 -23.12
N PHE A 220 18.30 -7.19 -22.14
CA PHE A 220 17.77 -8.56 -22.18
C PHE A 220 18.84 -9.65 -22.32
N LYS A 221 20.05 -9.32 -21.85
CA LYS A 221 21.13 -10.28 -21.76
C LYS A 221 21.79 -10.09 -20.39
N ASP A 222 21.90 -11.18 -19.63
CA ASP A 222 22.60 -11.16 -18.32
C ASP A 222 22.03 -10.20 -17.27
N GLY A 223 20.76 -9.83 -17.41
CA GLY A 223 20.08 -8.94 -16.46
C GLY A 223 20.36 -7.47 -16.69
N LYS A 224 21.16 -7.16 -17.70
CA LYS A 224 21.81 -5.85 -17.79
C LYS A 224 20.99 -4.74 -18.42
N LEU A 225 21.43 -3.51 -18.17
CA LEU A 225 20.91 -2.33 -18.84
C LEU A 225 21.73 -2.03 -20.07
N LYS A 226 21.05 -1.53 -21.11
CA LYS A 226 21.73 -1.10 -22.34
C LYS A 226 22.74 0.02 -22.04
N TYR A 227 23.80 0.06 -22.85
CA TYR A 227 24.87 1.03 -22.68
C TYR A 227 25.57 1.26 -24.01
N GLN A 228 26.44 2.28 -24.05
CA GLN A 228 27.36 2.48 -25.16
C GLN A 228 28.78 2.67 -24.60
N VAL A 229 29.79 2.45 -25.45
CA VAL A 229 31.17 2.66 -25.06
C VAL A 229 31.74 3.81 -25.87
N ILE A 230 32.08 4.91 -25.21
CA ILE A 230 32.69 6.06 -25.85
C ILE A 230 34.08 6.27 -25.24
N GLY A 231 35.10 6.27 -26.09
CA GLY A 231 36.50 6.33 -25.66
C GLY A 231 36.86 5.36 -24.55
N GLY A 232 36.34 4.13 -24.66
CA GLY A 232 36.59 3.08 -23.66
C GLY A 232 35.74 3.21 -22.39
N GLU A 233 34.96 4.29 -22.28
CA GLU A 233 34.11 4.50 -21.10
C GLU A 233 32.65 4.10 -21.33
N VAL A 234 32.06 3.43 -20.33
CA VAL A 234 30.67 3.01 -20.38
C VAL A 234 29.72 4.17 -20.00
N TYR A 235 28.83 4.51 -20.92
CA TYR A 235 27.81 5.54 -20.69
C TYR A 235 26.42 4.96 -21.00
N PRO A 236 25.35 5.66 -20.57
CA PRO A 236 23.98 5.28 -20.92
C PRO A 236 23.78 5.28 -22.44
N PRO A 237 22.77 4.54 -22.93
CA PRO A 237 22.55 4.45 -24.37
C PRO A 237 21.87 5.70 -24.91
N THR A 238 21.69 5.78 -26.23
CA THR A 238 21.06 6.97 -26.82
C THR A 238 19.53 6.84 -26.91
N VAL A 239 18.88 7.98 -27.10
CA VAL A 239 17.46 8.06 -27.43
C VAL A 239 17.17 7.30 -28.74
N LYS A 240 18.01 7.55 -29.75
CA LYS A 240 17.86 6.91 -31.06
C LYS A 240 17.88 5.37 -30.95
N ASP A 241 18.85 4.82 -30.22
CA ASP A 241 18.96 3.36 -30.05
C ASP A 241 17.78 2.74 -29.31
N THR A 242 17.31 3.45 -28.28
CA THR A 242 16.34 2.89 -27.34
C THR A 242 14.89 3.29 -27.60
N GLN A 243 14.70 4.39 -28.34
CA GLN A 243 13.37 5.01 -28.53
C GLN A 243 12.73 5.45 -27.19
N VAL A 244 13.58 5.87 -26.26
CA VAL A 244 13.14 6.30 -24.93
C VAL A 244 13.01 7.82 -24.89
N GLU A 245 11.81 8.31 -24.58
CA GLU A 245 11.53 9.75 -24.50
C GLU A 245 12.37 10.41 -23.41
N MET A 246 13.10 11.46 -23.80
CA MET A 246 13.91 12.27 -22.89
C MET A 246 13.70 13.74 -23.18
N ILE A 247 13.88 14.60 -22.17
CA ILE A 247 13.80 16.05 -22.37
C ILE A 247 15.15 16.59 -22.84
N TYR A 248 15.19 17.05 -24.08
CA TYR A 248 16.38 17.69 -24.67
C TYR A 248 16.00 18.81 -25.63
N PRO A 249 16.77 19.91 -25.62
CA PRO A 249 16.65 20.96 -26.64
C PRO A 249 17.06 20.43 -28.02
N PRO A 250 16.46 20.97 -29.10
CA PRO A 250 16.68 20.48 -30.48
C PRO A 250 18.15 20.37 -30.92
N HIS A 251 19.02 21.22 -30.37
CA HIS A 251 20.40 21.37 -30.86
C HIS A 251 21.43 20.40 -30.27
N ILE A 252 20.98 19.28 -29.71
CA ILE A 252 21.91 18.38 -29.02
C ILE A 252 22.30 17.16 -29.88
N PRO A 253 23.62 16.92 -30.03
CA PRO A 253 24.14 15.79 -30.81
C PRO A 253 23.54 14.45 -30.38
N GLU A 254 23.22 13.61 -31.36
CA GLU A 254 22.55 12.34 -31.14
C GLU A 254 23.16 11.52 -30.01
N ASN A 255 24.49 11.37 -30.02
CA ASN A 255 25.20 10.59 -29.01
C ASN A 255 25.20 11.21 -27.62
N LEU A 256 24.90 12.49 -27.53
CA LEU A 256 24.80 13.14 -26.23
C LEU A 256 23.36 13.18 -25.71
N GLN A 257 22.42 12.65 -26.50
CA GLN A 257 21.06 12.44 -26.03
C GLN A 257 20.95 11.11 -25.28
N PHE A 258 21.47 11.09 -24.06
CA PHE A 258 21.44 9.89 -23.22
C PHE A 258 20.04 9.53 -22.74
N ALA A 259 19.71 8.24 -22.84
CA ALA A 259 18.44 7.72 -22.34
C ALA A 259 18.68 7.02 -20.99
N VAL A 260 17.97 7.49 -19.96
CA VAL A 260 18.05 6.91 -18.63
C VAL A 260 16.63 6.82 -18.06
N GLY A 261 16.50 6.28 -16.86
CA GLY A 261 15.21 6.07 -16.21
C GLY A 261 14.34 7.30 -16.10
N GLN A 262 14.90 8.37 -15.54
CA GLN A 262 14.19 9.64 -15.40
C GLN A 262 14.45 10.60 -16.57
N GLU A 263 13.35 11.05 -17.19
CA GLU A 263 13.35 11.81 -18.44
C GLU A 263 14.08 13.16 -18.41
N VAL A 264 14.25 13.72 -17.20
CA VAL A 264 14.78 15.08 -17.07
C VAL A 264 16.28 15.12 -16.80
N PHE A 265 16.89 13.95 -16.66
CA PHE A 265 18.29 13.84 -16.20
C PHE A 265 19.38 14.31 -17.18
N GLY A 266 19.02 14.48 -18.46
CA GLY A 266 19.94 15.08 -19.43
C GLY A 266 20.15 16.58 -19.23
N LEU A 267 19.28 17.18 -18.40
CA LEU A 267 19.31 18.60 -18.04
C LEU A 267 20.64 19.05 -17.43
N VAL A 268 21.25 18.18 -16.65
CA VAL A 268 22.38 18.54 -15.83
C VAL A 268 23.45 17.44 -15.91
N PRO A 269 24.69 17.81 -16.29
CA PRO A 269 25.78 16.83 -16.38
C PRO A 269 26.05 16.18 -15.04
N GLY A 270 25.77 16.91 -13.96
CA GLY A 270 25.88 16.39 -12.59
C GLY A 270 24.90 15.26 -12.33
N LEU A 271 23.71 15.34 -12.89
CA LEU A 271 22.73 14.26 -12.78
C LEU A 271 23.13 13.07 -13.66
N MET A 272 23.66 13.34 -14.84
CA MET A 272 24.16 12.30 -15.73
C MET A 272 25.32 11.53 -15.11
N MET A 273 26.15 12.23 -14.34
CA MET A 273 27.23 11.59 -13.59
C MET A 273 26.68 10.44 -12.72
N TYR A 274 25.65 10.72 -11.93
CA TYR A 274 25.04 9.69 -11.10
C TYR A 274 24.27 8.63 -11.90
N ALA A 275 23.56 9.06 -12.94
CA ALA A 275 22.87 8.13 -13.83
C ALA A 275 23.83 7.09 -14.41
N THR A 276 25.02 7.56 -14.82
CA THR A 276 26.06 6.70 -15.38
C THR A 276 26.66 5.78 -14.31
N ILE A 277 26.96 6.35 -13.14
CA ILE A 277 27.53 5.59 -12.03
C ILE A 277 26.59 4.45 -11.64
N TRP A 278 25.29 4.75 -11.52
CA TRP A 278 24.29 3.77 -11.13
C TRP A 278 24.03 2.71 -12.21
N LEU A 279 24.05 3.13 -13.47
CA LEU A 279 23.93 2.19 -14.58
C LEU A 279 25.05 1.14 -14.49
N ARG A 280 26.28 1.62 -14.33
CA ARG A 280 27.45 0.75 -14.15
C ARG A 280 27.29 -0.18 -12.95
N GLU A 281 26.89 0.37 -11.81
CA GLU A 281 26.65 -0.42 -10.61
C GLU A 281 25.67 -1.59 -10.87
N HIS A 282 24.57 -1.30 -11.55
CA HIS A 282 23.61 -2.33 -11.89
C HIS A 282 24.26 -3.46 -12.69
N ASN A 283 25.02 -3.10 -13.72
CA ASN A 283 25.63 -4.08 -14.59
C ASN A 283 26.73 -4.86 -13.87
N ARG A 284 27.43 -4.18 -12.97
CA ARG A 284 28.43 -4.81 -12.12
C ARG A 284 27.78 -5.89 -11.19
N VAL A 285 26.64 -5.56 -10.60
CA VAL A 285 25.92 -6.50 -9.74
C VAL A 285 25.39 -7.69 -10.55
N CYS A 286 24.94 -7.41 -11.77
CA CYS A 286 24.60 -8.48 -12.73
C CYS A 286 25.73 -9.49 -12.91
N ASP A 287 26.95 -8.99 -13.10
CA ASP A 287 28.16 -9.83 -13.27
C ASP A 287 28.39 -10.73 -12.05
N ILE A 288 28.25 -10.14 -10.86
CA ILE A 288 28.42 -10.87 -9.60
C ILE A 288 27.36 -11.97 -9.46
N LEU A 289 26.11 -11.63 -9.76
CA LEU A 289 25.01 -12.58 -9.63
C LEU A 289 25.10 -13.72 -10.63
N LYS A 290 25.60 -13.42 -11.83
CA LYS A 290 25.79 -14.43 -12.87
C LYS A 290 26.83 -15.46 -12.44
N GLN A 291 27.90 -14.98 -11.82
CA GLN A 291 28.95 -15.84 -11.29
C GLN A 291 28.41 -16.75 -10.21
N GLU A 292 27.58 -16.18 -9.34
CA GLU A 292 26.95 -16.87 -8.24
C GLU A 292 25.83 -17.81 -8.73
N HIS A 293 25.12 -17.39 -9.77
CA HIS A 293 24.01 -18.17 -10.31
C HIS A 293 24.09 -18.34 -11.82
N PRO A 294 25.03 -19.21 -12.29
CA PRO A 294 25.13 -19.51 -13.73
C PRO A 294 23.85 -20.11 -14.28
N GLU A 295 23.01 -20.64 -13.40
CA GLU A 295 21.72 -21.23 -13.76
C GLU A 295 20.61 -20.21 -14.01
N TRP A 296 20.74 -18.99 -13.47
CA TRP A 296 19.68 -17.97 -13.58
C TRP A 296 19.55 -17.39 -14.99
N GLY A 297 18.36 -16.99 -15.37
CA GLY A 297 18.13 -16.28 -16.62
C GLY A 297 18.16 -14.76 -16.45
N ASP A 298 18.03 -14.07 -17.58
CA ASP A 298 18.09 -12.60 -17.67
C ASP A 298 17.08 -11.90 -16.76
N GLU A 299 15.85 -12.40 -16.73
CA GLU A 299 14.79 -11.79 -15.94
C GLU A 299 15.10 -11.78 -14.44
N GLN A 300 15.51 -12.92 -13.89
CA GLN A 300 15.82 -13.01 -12.45
C GLN A 300 17.06 -12.19 -12.11
N LEU A 301 18.05 -12.15 -13.01
CA LEU A 301 19.24 -11.34 -12.78
C LEU A 301 18.90 -9.86 -12.68
N PHE A 302 18.14 -9.36 -13.65
CA PHE A 302 17.70 -7.96 -13.62
C PHE A 302 16.97 -7.62 -12.32
N GLN A 303 15.94 -8.41 -12.01
CA GLN A 303 15.05 -8.13 -10.89
C GLN A 303 15.79 -8.17 -9.56
N THR A 304 16.69 -9.14 -9.44
CA THR A 304 17.49 -9.30 -8.23
C THR A 304 18.52 -8.16 -8.07
N SER A 305 19.12 -7.74 -9.17
CA SER A 305 20.05 -6.61 -9.14
C SER A 305 19.33 -5.33 -8.69
N ARG A 306 18.12 -5.14 -9.21
CA ARG A 306 17.28 -4.00 -8.85
C ARG A 306 17.03 -3.94 -7.33
N LEU A 307 16.65 -5.07 -6.74
CA LEU A 307 16.40 -5.12 -5.30
C LEU A 307 17.65 -4.78 -4.49
N ILE A 308 18.78 -5.29 -4.96
CA ILE A 308 20.07 -5.00 -4.35
C ILE A 308 20.41 -3.50 -4.39
N LEU A 309 20.19 -2.86 -5.54
CA LEU A 309 20.49 -1.43 -5.67
C LEU A 309 19.56 -0.57 -4.81
N ILE A 310 18.29 -0.97 -4.70
CA ILE A 310 17.37 -0.35 -3.75
C ILE A 310 17.99 -0.40 -2.36
N GLY A 311 18.43 -1.59 -1.93
CA GLY A 311 19.15 -1.76 -0.68
C GLY A 311 20.39 -0.88 -0.53
N GLU A 312 21.23 -0.86 -1.56
CA GLU A 312 22.40 0.03 -1.61
C GLU A 312 22.01 1.47 -1.38
N THR A 313 20.97 1.92 -2.12
CA THR A 313 20.54 3.31 -2.10
C THR A 313 20.13 3.73 -0.69
N ILE A 314 19.35 2.87 -0.03
CA ILE A 314 18.88 3.15 1.32
C ILE A 314 20.06 3.16 2.31
N LYS A 315 20.98 2.20 2.16
CA LYS A 315 22.17 2.14 3.04
C LYS A 315 22.97 3.44 2.95
N ILE A 316 23.19 3.93 1.73
CA ILE A 316 23.98 5.16 1.52
C ILE A 316 23.25 6.39 2.04
N VAL A 317 21.95 6.48 1.76
CA VAL A 317 21.15 7.61 2.20
C VAL A 317 21.16 7.78 3.72
N ILE A 318 21.04 6.68 4.46
CA ILE A 318 21.04 6.74 5.92
C ILE A 318 22.43 6.98 6.48
N GLU A 319 23.40 6.18 6.03
CA GLU A 319 24.71 6.12 6.70
C GLU A 319 25.74 7.10 6.17
N ASP A 320 25.52 7.64 4.98
CA ASP A 320 26.43 8.64 4.43
C ASP A 320 25.74 9.99 4.27
N TYR A 321 24.55 9.98 3.67
CA TYR A 321 23.84 11.19 3.29
C TYR A 321 23.16 11.88 4.49
N VAL A 322 22.28 11.15 5.17
CA VAL A 322 21.61 11.69 6.36
C VAL A 322 22.63 11.91 7.47
N GLN A 323 23.56 10.95 7.62
CA GLN A 323 24.66 11.07 8.57
C GLN A 323 25.40 12.40 8.42
N HIS A 324 25.75 12.75 7.18
CA HIS A 324 26.41 14.02 6.88
C HIS A 324 25.58 15.21 7.30
N LEU A 325 24.30 15.21 6.90
CA LEU A 325 23.37 16.31 7.16
C LEU A 325 23.13 16.55 8.64
N SER A 326 23.04 15.44 9.38
CA SER A 326 22.73 15.46 10.80
C SER A 326 23.81 16.15 11.63
N GLY A 327 25.07 15.97 11.21
CA GLY A 327 26.20 16.49 11.97
C GLY A 327 26.46 15.76 13.28
N TYR A 328 25.74 14.66 13.51
CA TYR A 328 25.86 13.89 14.76
C TYR A 328 27.21 13.20 14.90
N HIS A 329 27.66 13.06 16.15
CA HIS A 329 28.81 12.22 16.47
C HIS A 329 28.41 10.75 16.46
N PHE A 330 27.16 10.48 16.82
CA PHE A 330 26.59 9.14 16.71
C PHE A 330 26.52 8.68 15.25
N LYS A 331 26.91 7.43 15.00
CA LYS A 331 26.79 6.82 13.68
C LYS A 331 25.42 6.17 13.49
N LEU A 332 24.62 6.78 12.63
CA LEU A 332 23.33 6.22 12.23
C LEU A 332 23.54 4.90 11.52
N LYS A 333 22.56 4.01 11.64
CA LYS A 333 22.68 2.64 11.15
C LYS A 333 21.45 2.25 10.33
N PHE A 334 21.68 1.69 9.15
CA PHE A 334 20.60 1.10 8.37
C PHE A 334 20.47 -0.37 8.73
N ASP A 335 19.41 -0.68 9.47
CA ASP A 335 19.18 -2.04 9.97
C ASP A 335 17.68 -2.27 10.21
N PRO A 336 17.00 -2.91 9.23
CA PRO A 336 15.57 -3.22 9.29
C PRO A 336 15.12 -4.05 10.49
N GLU A 337 16.03 -4.87 11.04
CA GLU A 337 15.71 -5.69 12.22
C GLU A 337 15.26 -4.88 13.45
N LEU A 338 15.68 -3.62 13.50
CA LEU A 338 15.41 -2.75 14.65
C LEU A 338 13.92 -2.43 14.81
N LEU A 339 13.16 -2.53 13.72
CA LEU A 339 11.73 -2.29 13.75
C LEU A 339 10.90 -3.57 13.89
N PHE A 340 11.55 -4.73 13.82
CA PHE A 340 10.83 -6.02 13.77
C PHE A 340 9.92 -6.31 14.97
N ASN A 341 10.26 -5.75 16.14
CA ASN A 341 9.41 -5.87 17.32
C ASN A 341 8.72 -4.55 17.67
N GLN A 342 8.66 -3.63 16.70
CA GLN A 342 7.96 -2.36 16.86
C GLN A 342 6.67 -2.36 16.05
N GLN A 343 5.89 -1.30 16.20
CA GLN A 343 4.69 -1.11 15.38
C GLN A 343 5.01 -0.13 14.26
N PHE A 344 5.17 -0.65 13.05
CA PHE A 344 5.60 0.15 11.92
C PHE A 344 4.87 -0.31 10.66
N GLN A 345 4.42 0.64 9.85
CA GLN A 345 3.73 0.32 8.61
C GLN A 345 4.70 0.32 7.43
N TYR A 346 4.86 -0.82 6.78
CA TYR A 346 5.71 -0.92 5.59
C TYR A 346 4.95 -0.46 4.35
N GLN A 347 4.72 0.83 4.30
CA GLN A 347 4.09 1.49 3.18
C GLN A 347 4.50 2.96 3.23
N ASN A 348 4.36 3.66 2.12
CA ASN A 348 4.65 5.09 2.07
C ASN A 348 3.81 5.81 1.03
N ARG A 349 3.54 7.09 1.29
CA ARG A 349 2.91 7.98 0.34
C ARG A 349 3.60 9.34 0.44
N ILE A 350 4.08 9.86 -0.69
CA ILE A 350 4.88 11.09 -0.71
C ILE A 350 4.03 12.34 -0.40
N ALA A 351 4.45 13.10 0.60
CA ALA A 351 3.75 14.33 0.98
C ALA A 351 4.16 15.50 0.12
N SER A 352 3.17 16.29 -0.28
CA SER A 352 3.43 17.55 -0.93
C SER A 352 4.42 18.38 -0.12
N GLU A 353 4.21 18.45 1.19
CA GLU A 353 5.07 19.26 2.07
C GLU A 353 6.52 18.79 2.12
N PHE A 354 6.73 17.49 1.86
CA PHE A 354 8.09 16.91 1.77
C PHE A 354 8.78 17.44 0.52
N ASN A 355 8.06 17.38 -0.61
CA ASN A 355 8.48 18.03 -1.83
C ASN A 355 8.87 19.50 -1.63
N THR A 356 8.03 20.24 -0.90
CA THR A 356 8.25 21.67 -0.72
C THR A 356 9.52 21.95 0.09
N LEU A 357 9.70 21.24 1.20
CA LEU A 357 10.84 21.52 2.08
C LEU A 357 12.16 21.16 1.42
N TYR A 358 12.07 20.29 0.40
CA TYR A 358 13.25 19.76 -0.25
C TYR A 358 13.73 20.65 -1.40
N HIS A 359 13.17 21.85 -1.48
CA HIS A 359 13.62 22.81 -2.49
C HIS A 359 14.88 23.53 -2.03
N TRP A 360 15.98 22.78 -2.03
CA TRP A 360 17.23 23.24 -1.46
C TRP A 360 18.10 23.94 -2.50
N HIS A 361 17.48 24.84 -3.26
CA HIS A 361 18.22 25.50 -4.32
CA HIS A 361 18.12 25.66 -4.31
C HIS A 361 19.40 26.36 -3.84
N PRO A 362 19.42 26.80 -2.56
CA PRO A 362 20.64 27.48 -2.11
C PRO A 362 21.92 26.64 -2.11
N LEU A 363 21.79 25.31 -2.20
CA LEU A 363 22.95 24.42 -2.34
C LEU A 363 23.80 24.76 -3.56
N LEU A 364 23.13 25.18 -4.64
CA LEU A 364 23.78 25.48 -5.91
C LEU A 364 24.78 26.63 -5.83
N PRO A 365 25.96 26.47 -6.46
CA PRO A 365 26.98 27.50 -6.49
C PRO A 365 26.73 28.51 -7.62
N ASP A 366 27.61 29.50 -7.75
CA ASP A 366 27.48 30.48 -8.84
C ASP A 366 28.06 29.92 -10.13
N THR A 367 29.12 29.13 -10.00
CA THR A 367 29.76 28.47 -11.13
C THR A 367 30.04 27.01 -10.77
N PHE A 368 30.20 26.18 -11.80
CA PHE A 368 30.50 24.76 -11.61
C PHE A 368 31.94 24.49 -11.98
N ASN A 369 32.75 24.25 -10.95
CA ASN A 369 34.21 24.22 -11.09
C ASN A 369 34.75 22.82 -11.32
N ILE A 370 35.12 22.54 -12.57
CA ILE A 370 35.62 21.23 -12.96
C ILE A 370 37.02 21.39 -13.55
N GLU A 371 37.97 20.66 -12.95
CA GLU A 371 39.40 20.76 -13.30
C GLU A 371 39.85 22.22 -13.15
N ASP A 372 40.19 22.88 -14.25
CA ASP A 372 40.57 24.28 -14.20
C ASP A 372 39.51 25.20 -14.79
N GLN A 373 38.41 24.60 -15.27
CA GLN A 373 37.32 25.36 -15.87
C GLN A 373 36.30 25.83 -14.82
N GLU A 374 35.64 26.94 -15.12
CA GLU A 374 34.57 27.44 -14.26
C GLU A 374 33.34 27.72 -15.10
N TYR A 375 32.42 26.77 -15.12
CA TYR A 375 31.24 26.85 -15.97
C TYR A 375 30.11 27.63 -15.33
N SER A 376 29.54 28.56 -16.08
CA SER A 376 28.33 29.27 -15.67
C SER A 376 27.13 28.35 -15.86
N PHE A 377 25.99 28.72 -15.28
CA PHE A 377 24.74 27.98 -15.43
C PHE A 377 24.35 27.74 -16.88
N LYS A 378 24.44 28.80 -17.69
CA LYS A 378 24.06 28.72 -19.11
C LYS A 378 24.84 27.63 -19.83
N GLN A 379 26.16 27.62 -19.64
CA GLN A 379 27.00 26.67 -20.35
C GLN A 379 27.01 25.27 -19.71
N PHE A 380 26.61 25.18 -18.45
CA PHE A 380 26.56 23.91 -17.73
C PHE A 380 25.27 23.14 -17.99
N LEU A 381 24.18 23.86 -18.24
CA LEU A 381 22.90 23.25 -18.55
C LEU A 381 22.91 22.47 -19.87
N TYR A 382 22.20 21.33 -19.85
CA TYR A 382 22.01 20.49 -21.04
CA TYR A 382 22.03 20.43 -21.00
C TYR A 382 23.31 20.02 -21.72
N ASN A 383 24.46 20.38 -21.14
CA ASN A 383 25.75 20.17 -21.80
C ASN A 383 26.52 18.93 -21.31
N ASN A 384 26.18 17.78 -21.88
CA ASN A 384 26.83 16.52 -21.52
C ASN A 384 28.23 16.33 -22.08
N SER A 385 28.61 17.16 -23.06
CA SER A 385 29.97 17.12 -23.60
C SER A 385 31.01 17.47 -22.53
N ILE A 386 30.61 18.30 -21.57
CA ILE A 386 31.45 18.62 -20.41
C ILE A 386 31.81 17.35 -19.63
N LEU A 387 30.83 16.46 -19.47
CA LEU A 387 31.04 15.18 -18.78
C LEU A 387 31.99 14.27 -19.56
N LEU A 388 31.82 14.22 -20.87
CA LEU A 388 32.66 13.37 -21.71
C LEU A 388 34.05 13.95 -21.92
N GLU A 389 34.15 15.28 -22.01
CA GLU A 389 35.44 15.95 -22.15
C GLU A 389 36.32 15.74 -20.93
N HIS A 390 35.75 15.96 -19.75
CA HIS A 390 36.49 15.83 -18.50
C HIS A 390 36.56 14.39 -17.99
N GLY A 391 35.49 13.64 -18.20
CA GLY A 391 35.40 12.27 -17.72
C GLY A 391 34.85 12.17 -16.31
N LEU A 392 34.26 11.02 -16.01
CA LEU A 392 33.63 10.76 -14.72
C LEU A 392 34.61 10.91 -13.54
N THR A 393 35.86 10.51 -13.75
CA THR A 393 36.92 10.57 -12.73
C THR A 393 37.21 12.00 -12.28
N GLN A 394 37.40 12.89 -13.24
CA GLN A 394 37.65 14.30 -12.96
C GLN A 394 36.40 15.00 -12.41
N PHE A 395 35.23 14.57 -12.86
CA PHE A 395 33.97 15.05 -12.28
C PHE A 395 33.89 14.79 -10.78
N VAL A 396 34.17 13.54 -10.39
CA VAL A 396 34.18 13.15 -8.98
C VAL A 396 35.20 13.96 -8.17
N GLU A 397 36.44 14.02 -8.65
CA GLU A 397 37.51 14.73 -7.97
C GLU A 397 37.21 16.22 -7.79
N SER A 398 36.62 16.83 -8.82
CA SER A 398 36.25 18.23 -8.77
C SER A 398 35.07 18.50 -7.82
N PHE A 399 34.02 17.69 -7.94
CA PHE A 399 32.80 17.87 -7.16
C PHE A 399 32.98 17.56 -5.68
N THR A 400 33.92 16.68 -5.36
CA THR A 400 34.28 16.41 -3.97
C THR A 400 34.94 17.63 -3.30
N ARG A 401 35.60 18.47 -4.09
CA ARG A 401 36.32 19.65 -3.55
C ARG A 401 35.47 20.93 -3.50
N GLN A 402 34.44 21.02 -4.35
CA GLN A 402 33.64 22.25 -4.43
C GLN A 402 32.54 22.32 -3.38
N ILE A 403 32.62 23.32 -2.53
CA ILE A 403 31.63 23.54 -1.49
C ILE A 403 30.28 23.97 -2.06
N ALA A 404 29.21 23.45 -1.47
CA ALA A 404 27.83 23.85 -1.77
C ALA A 404 27.41 24.99 -0.84
N GLY A 405 26.26 25.60 -1.12
CA GLY A 405 25.76 26.72 -0.32
C GLY A 405 24.91 26.34 0.88
N ARG A 406 24.82 27.26 1.83
CA ARG A 406 23.95 27.11 2.99
C ARG A 406 22.48 27.26 2.58
N VAL A 407 21.60 26.48 3.20
CA VAL A 407 20.18 26.46 2.84
C VAL A 407 19.35 27.42 3.72
N ALA A 408 19.41 27.22 5.04
CA ALA A 408 18.82 28.14 6.01
C ALA A 408 19.66 29.42 6.12
N GLY A 409 19.14 30.43 6.83
CA GLY A 409 19.92 31.62 7.14
C GLY A 409 19.62 32.82 6.24
N GLY A 410 18.88 32.57 5.17
CA GLY A 410 18.40 33.64 4.29
C GLY A 410 19.30 34.00 3.14
N ARG A 411 18.69 34.65 2.14
CA ARG A 411 19.39 35.28 1.02
C ARG A 411 20.52 34.44 0.41
N ASN A 412 20.20 33.22 0.00
CA ASN A 412 21.21 32.39 -0.65
C ASN A 412 20.71 31.63 -1.88
N VAL A 413 19.60 32.08 -2.47
CA VAL A 413 19.06 31.40 -3.65
C VAL A 413 19.67 32.02 -4.91
N PRO A 414 20.41 31.20 -5.70
CA PRO A 414 21.07 31.67 -6.92
C PRO A 414 20.04 32.32 -7.84
N ILE A 415 20.38 33.47 -8.41
CA ILE A 415 19.44 34.19 -9.26
C ILE A 415 19.07 33.43 -10.55
N ALA A 416 19.94 32.52 -10.98
CA ALA A 416 19.67 31.68 -12.15
C ALA A 416 18.43 30.81 -11.95
N VAL A 417 18.14 30.45 -10.70
CA VAL A 417 16.94 29.66 -10.39
C VAL A 417 15.84 30.47 -9.67
N GLN A 418 15.84 31.78 -9.85
CA GLN A 418 14.83 32.65 -9.24
C GLN A 418 13.38 32.28 -9.61
N ALA A 419 13.18 31.80 -10.83
CA ALA A 419 11.84 31.44 -11.30
C ALA A 419 11.29 30.22 -10.56
N VAL A 420 12.16 29.25 -10.29
CA VAL A 420 11.80 28.04 -9.54
C VAL A 420 11.40 28.38 -8.11
N ALA A 421 12.15 29.27 -7.47
CA ALA A 421 11.87 29.69 -6.10
C ALA A 421 10.56 30.49 -5.98
N LYS A 422 10.30 31.37 -6.95
CA LYS A 422 9.04 32.11 -6.98
C LYS A 422 7.88 31.13 -7.13
N ALA A 423 8.07 30.13 -8.00
CA ALA A 423 7.09 29.08 -8.24
C ALA A 423 6.77 28.29 -6.97
N SER A 424 7.79 28.02 -6.14
CA SER A 424 7.57 27.32 -4.90
C SER A 424 6.64 28.09 -3.99
N ILE A 425 6.78 29.42 -3.96
CA ILE A 425 5.89 30.27 -3.18
C ILE A 425 4.48 30.25 -3.79
N ASP A 426 4.39 30.51 -5.09
CA ASP A 426 3.11 30.58 -5.79
C ASP A 426 2.34 29.25 -5.76
N GLN A 427 3.06 28.14 -5.89
CA GLN A 427 2.43 26.83 -5.87
C GLN A 427 1.97 26.41 -4.47
N SER A 428 2.73 26.79 -3.45
CA SER A 428 2.30 26.61 -2.04
C SER A 428 0.95 27.26 -1.84
N ARG A 429 0.79 28.44 -2.43
CA ARG A 429 -0.42 29.23 -2.30
C ARG A 429 -1.55 28.63 -3.13
N GLU A 430 -1.22 28.09 -4.30
CA GLU A 430 -2.22 27.44 -5.14
C GLU A 430 -2.77 26.20 -4.44
N MET A 431 -1.91 25.52 -3.69
CA MET A 431 -2.29 24.29 -3.01
C MET A 431 -2.87 24.55 -1.62
N LYS A 432 -3.05 25.84 -1.31
CA LYS A 432 -3.68 26.30 -0.07
C LYS A 432 -2.99 25.77 1.19
N TYR A 433 -1.66 25.82 1.18
CA TYR A 433 -0.85 25.42 2.33
C TYR A 433 -1.20 26.24 3.56
N GLN A 434 -1.22 25.55 4.70
CA GLN A 434 -1.34 26.23 5.98
C GLN A 434 -0.01 26.93 6.34
N SER A 435 -0.04 27.75 7.38
CA SER A 435 1.10 28.58 7.74
C SER A 435 2.22 27.78 8.39
N LEU A 436 3.40 28.41 8.46
CA LEU A 436 4.57 27.86 9.14
C LEU A 436 4.23 27.36 10.53
N ASN A 437 3.60 28.23 11.33
CA ASN A 437 3.30 27.90 12.72
C ASN A 437 2.33 26.74 12.88
N GLU A 438 1.40 26.58 11.94
CA GLU A 438 0.52 25.41 11.93
C GLU A 438 1.31 24.14 11.68
N TYR A 439 2.29 24.20 10.76
CA TYR A 439 3.14 23.05 10.47
C TYR A 439 4.08 22.72 11.61
N ARG A 440 4.57 23.76 12.28
CA ARG A 440 5.41 23.56 13.45
C ARG A 440 4.65 22.82 14.57
N LYS A 441 3.41 23.23 14.83
CA LYS A 441 2.59 22.56 15.86
C LYS A 441 2.30 21.12 15.46
N ARG A 442 1.97 20.93 14.18
CA ARG A 442 1.71 19.60 13.60
C ARG A 442 2.86 18.61 13.87
N PHE A 443 4.09 19.11 13.89
CA PHE A 443 5.27 18.30 14.12
C PHE A 443 5.86 18.47 15.53
N SER A 444 4.99 18.87 16.47
CA SER A 444 5.32 18.97 17.91
C SER A 444 6.36 20.02 18.27
N LEU A 445 6.30 21.17 17.58
CA LEU A 445 7.22 22.27 17.84
C LEU A 445 6.45 23.50 18.29
N LYS A 446 7.05 24.30 19.17
CA LYS A 446 6.45 25.56 19.60
C LYS A 446 6.38 26.55 18.45
N PRO A 447 5.23 27.20 18.27
CA PRO A 447 5.12 28.23 17.22
C PRO A 447 6.05 29.40 17.49
N TYR A 448 6.59 30.00 16.44
CA TYR A 448 7.40 31.21 16.59
C TYR A 448 6.51 32.38 17.01
N THR A 449 6.97 33.16 17.99
CA THR A 449 6.18 34.29 18.53
C THR A 449 6.54 35.62 17.87
N SER A 450 7.65 35.65 17.14
CA SER A 450 8.06 36.83 16.39
C SER A 450 8.87 36.44 15.16
N PHE A 451 9.01 37.38 14.23
CA PHE A 451 9.84 37.19 13.05
C PHE A 451 11.32 37.12 13.41
N GLU A 452 11.73 37.89 14.43
CA GLU A 452 13.12 37.90 14.87
C GLU A 452 13.49 36.60 15.53
N GLU A 453 12.51 35.91 16.14
CA GLU A 453 12.76 34.60 16.72
C GLU A 453 12.97 33.57 15.59
N LEU A 454 12.24 33.74 14.49
CA LEU A 454 12.40 32.86 13.32
C LEU A 454 13.81 32.95 12.72
N THR A 455 14.26 34.17 12.44
CA THR A 455 15.51 34.37 11.72
C THR A 455 16.72 34.44 12.64
N GLY A 456 16.49 34.80 13.90
CA GLY A 456 17.56 35.01 14.87
C GLY A 456 18.42 36.22 14.49
N GLU A 457 17.77 37.21 13.89
CA GLU A 457 18.44 38.30 13.20
C GLU A 457 17.44 39.50 13.19
N LYS A 458 17.88 40.69 12.75
CA LYS A 458 17.00 41.87 12.80
C LYS A 458 16.52 42.40 11.45
N GLU A 459 17.39 42.34 10.44
CA GLU A 459 17.11 42.99 9.15
C GLU A 459 16.03 42.25 8.32
N MET A 460 16.24 40.96 8.07
CA MET A 460 15.26 40.15 7.34
C MET A 460 13.94 40.05 8.10
N ALA A 461 14.05 39.95 9.43
CA ALA A 461 12.90 39.95 10.32
C ALA A 461 12.01 41.18 10.10
N ALA A 462 12.64 42.36 10.03
CA ALA A 462 11.90 43.60 9.81
C ALA A 462 11.20 43.59 8.45
N GLU A 463 11.90 43.11 7.42
CA GLU A 463 11.34 43.04 6.08
C GLU A 463 10.15 42.08 6.01
N LEU A 464 10.26 40.96 6.74
CA LEU A 464 9.19 39.97 6.81
C LEU A 464 7.98 40.48 7.60
N LYS A 465 8.26 41.19 8.69
CA LYS A 465 7.23 41.83 9.50
C LYS A 465 6.40 42.80 8.68
N ALA A 466 7.05 43.58 7.83
CA ALA A 466 6.37 44.58 7.02
C ALA A 466 5.60 43.95 5.86
N LEU A 467 5.97 42.73 5.48
CA LEU A 467 5.34 42.03 4.38
C LEU A 467 4.16 41.15 4.84
N TYR A 468 4.33 40.48 5.98
CA TYR A 468 3.35 39.51 6.48
C TYR A 468 2.46 40.03 7.61
N SER A 469 2.99 40.98 8.39
CA SER A 469 2.35 41.59 9.58
C SER A 469 2.30 40.69 10.82
N ASP A 470 1.90 39.43 10.63
CA ASP A 470 1.67 38.52 11.76
C ASP A 470 2.50 37.27 11.56
N ILE A 471 3.27 36.87 12.58
CA ILE A 471 4.07 35.64 12.51
C ILE A 471 3.24 34.37 12.21
N ASP A 472 2.00 34.35 12.68
CA ASP A 472 1.11 33.21 12.49
C ASP A 472 0.63 33.03 11.04
N VAL A 473 0.98 33.96 10.15
CA VAL A 473 0.64 33.78 8.74
C VAL A 473 1.87 33.68 7.83
N MET A 474 3.06 33.63 8.44
CA MET A 474 4.29 33.40 7.72
C MET A 474 4.20 32.05 6.99
N GLU A 475 4.65 32.00 5.73
CA GLU A 475 4.56 30.80 4.90
C GLU A 475 5.71 29.83 5.17
N LEU A 476 5.46 28.54 4.93
CA LEU A 476 6.42 27.48 5.22
C LEU A 476 7.70 27.53 4.39
N TYR A 477 7.55 27.59 3.07
CA TYR A 477 8.71 27.49 2.18
C TYR A 477 9.74 28.62 2.40
N PRO A 478 9.30 29.89 2.30
CA PRO A 478 10.27 30.96 2.58
C PRO A 478 10.82 30.93 4.01
N ALA A 479 10.07 30.40 4.96
CA ALA A 479 10.54 30.34 6.36
C ALA A 479 11.70 29.36 6.53
N LEU A 480 11.67 28.25 5.79
CA LEU A 480 12.72 27.24 5.84
C LEU A 480 14.07 27.79 5.35
N LEU A 481 14.02 28.69 4.37
CA LEU A 481 15.24 29.27 3.81
C LEU A 481 15.79 30.47 4.59
N VAL A 482 14.94 31.13 5.39
CA VAL A 482 15.39 32.29 6.20
C VAL A 482 15.59 31.95 7.68
N GLU A 483 15.24 30.72 8.07
CA GLU A 483 15.31 30.28 9.45
C GLU A 483 16.72 30.35 10.04
N LYS A 484 16.80 30.75 11.31
CA LYS A 484 18.05 30.68 12.06
C LYS A 484 18.57 29.24 12.05
N PRO A 485 19.74 29.01 11.45
CA PRO A 485 20.30 27.67 11.41
C PRO A 485 20.76 27.25 12.78
N ARG A 486 20.84 25.94 13.00
CA ARG A 486 21.49 25.39 14.17
C ARG A 486 22.95 25.85 14.16
N PRO A 487 23.64 25.80 15.31
CA PRO A 487 25.02 26.29 15.40
C PRO A 487 25.92 25.68 14.32
N ASP A 488 26.38 26.54 13.41
CA ASP A 488 27.21 26.15 12.26
C ASP A 488 26.59 25.07 11.38
N ALA A 489 25.27 25.06 11.30
CA ALA A 489 24.56 24.07 10.51
C ALA A 489 24.03 24.62 9.17
N ILE A 490 23.70 23.70 8.27
CA ILE A 490 23.09 24.05 6.98
C ILE A 490 21.59 24.33 7.15
N PHE A 491 20.96 23.65 8.11
CA PHE A 491 19.50 23.73 8.31
C PHE A 491 19.11 24.33 9.67
N GLY A 492 17.89 24.86 9.72
CA GLY A 492 17.24 25.22 10.97
C GLY A 492 16.38 24.07 11.49
N GLU A 493 15.79 24.27 12.67
CA GLU A 493 15.02 23.25 13.36
C GLU A 493 13.84 22.72 12.52
N THR A 494 13.12 23.63 11.86
CA THR A 494 11.92 23.27 11.12
C THR A 494 12.22 22.31 9.96
N MET A 495 13.34 22.52 9.26
CA MET A 495 13.75 21.64 8.18
C MET A 495 13.95 20.19 8.66
N VAL A 496 14.63 20.02 9.79
CA VAL A 496 14.96 18.70 10.29
C VAL A 496 13.75 17.98 10.91
N GLU A 497 12.93 18.72 11.65
CA GLU A 497 11.81 18.10 12.35
C GLU A 497 10.65 17.72 11.43
N LEU A 498 10.49 18.46 10.34
CA LEU A 498 9.53 18.05 9.33
C LEU A 498 10.13 16.99 8.45
N GLY A 499 11.40 17.17 8.10
CA GLY A 499 12.05 16.32 7.11
C GLY A 499 12.37 14.90 7.54
N ALA A 500 12.84 14.75 8.77
CA ALA A 500 13.22 13.43 9.30
C ALA A 500 12.11 12.37 9.24
N PRO A 501 10.87 12.68 9.72
CA PRO A 501 9.78 11.70 9.67
C PRO A 501 9.36 11.28 8.26
N PHE A 502 9.32 12.23 7.32
CA PHE A 502 8.99 11.90 5.93
C PHE A 502 10.04 10.96 5.35
N SER A 503 11.29 11.26 5.69
CA SER A 503 12.45 10.49 5.27
C SER A 503 12.43 9.06 5.84
N LEU A 504 12.31 8.94 7.16
CA LEU A 504 12.19 7.63 7.85
C LEU A 504 11.13 6.75 7.17
N LYS A 505 9.99 7.36 6.90
CA LYS A 505 8.88 6.66 6.30
C LYS A 505 9.21 6.17 4.89
N GLY A 506 9.86 7.03 4.11
CA GLY A 506 10.25 6.69 2.74
C GLY A 506 11.35 5.66 2.65
N LEU A 507 12.22 5.62 3.66
CA LEU A 507 13.36 4.70 3.66
C LEU A 507 13.03 3.37 4.31
N MET A 508 12.56 3.39 5.56
CA MET A 508 12.25 2.15 6.27
C MET A 508 10.93 1.52 5.82
N GLY A 509 10.04 2.34 5.27
N GLY A 509 10.04 2.33 5.26
CA GLY A 509 8.74 1.86 4.80
CA GLY A 509 8.74 1.86 4.79
C GLY A 509 8.80 0.99 3.55
C GLY A 509 8.77 1.07 3.50
N ASN A 510 9.93 1.04 2.86
CA ASN A 510 10.14 0.27 1.62
C ASN A 510 9.91 -1.21 1.89
N PRO A 511 9.31 -1.95 0.95
CA PRO A 511 9.03 -3.36 1.21
C PRO A 511 10.26 -4.22 1.51
N ILE A 512 11.43 -3.87 0.97
CA ILE A 512 12.62 -4.69 1.22
C ILE A 512 13.07 -4.67 2.69
N CYS A 513 12.50 -3.74 3.46
CA CYS A 513 12.79 -3.62 4.89
C CYS A 513 11.85 -4.46 5.75
N SER A 514 10.84 -5.06 5.15
CA SER A 514 9.87 -5.87 5.88
C SER A 514 10.44 -7.26 6.20
N PRO A 515 9.98 -7.88 7.32
CA PRO A 515 10.51 -9.18 7.75
C PRO A 515 10.57 -10.23 6.63
N GLN A 516 9.55 -10.26 5.76
CA GLN A 516 9.49 -11.27 4.70
C GLN A 516 10.46 -11.03 3.53
N TYR A 517 10.97 -9.81 3.41
CA TYR A 517 11.93 -9.46 2.35
C TYR A 517 13.36 -9.43 2.87
N TRP A 518 13.53 -8.99 4.12
CA TRP A 518 14.87 -8.82 4.70
C TRP A 518 15.53 -10.16 5.04
N LYS A 519 15.94 -10.86 3.99
CA LYS A 519 16.47 -12.22 4.06
C LYS A 519 17.47 -12.34 2.92
N PRO A 520 18.55 -13.11 3.13
CA PRO A 520 19.57 -13.26 2.09
C PRO A 520 19.02 -13.79 0.76
N SER A 521 18.02 -14.68 0.82
CA SER A 521 17.44 -15.28 -0.38
C SER A 521 16.77 -14.26 -1.29
N THR A 522 16.21 -13.21 -0.71
CA THR A 522 15.61 -12.13 -1.49
C THR A 522 16.62 -11.53 -2.46
N PHE A 523 17.90 -11.52 -2.06
CA PHE A 523 18.95 -10.83 -2.80
C PHE A 523 19.94 -11.76 -3.50
N GLY A 524 19.51 -12.99 -3.74
CA GLY A 524 20.33 -13.96 -4.46
C GLY A 524 21.37 -14.72 -3.64
N GLY A 525 21.23 -14.69 -2.32
CA GLY A 525 22.18 -15.34 -1.45
C GLY A 525 22.92 -14.36 -0.56
N GLU A 526 23.91 -14.86 0.17
CA GLU A 526 24.67 -14.04 1.10
C GLU A 526 25.52 -12.99 0.40
N VAL A 527 25.92 -13.29 -0.84
CA VAL A 527 26.76 -12.39 -1.63
C VAL A 527 25.99 -11.12 -2.02
N GLY A 528 24.75 -11.31 -2.45
CA GLY A 528 23.86 -10.19 -2.76
C GLY A 528 23.51 -9.37 -1.54
N PHE A 529 23.20 -10.06 -0.44
CA PHE A 529 22.89 -9.42 0.83
C PHE A 529 24.10 -8.62 1.32
N LYS A 530 25.30 -9.15 1.10
CA LYS A 530 26.56 -8.49 1.48
C LYS A 530 26.78 -7.16 0.74
N ILE A 531 26.47 -7.12 -0.55
CA ILE A 531 26.62 -5.91 -1.36
C ILE A 531 25.89 -4.72 -0.71
N ILE A 532 24.64 -4.94 -0.34
CA ILE A 532 23.83 -3.95 0.37
C ILE A 532 24.51 -3.43 1.64
N ASN A 533 24.89 -4.37 2.51
CA ASN A 533 25.32 -4.01 3.87
C ASN A 533 26.77 -3.57 3.94
N THR A 534 27.37 -3.34 2.78
CA THR A 534 28.75 -2.90 2.64
C THR A 534 28.81 -1.66 1.76
N ALA A 535 27.67 -1.25 1.22
CA ALA A 535 27.57 -0.10 0.31
C ALA A 535 27.86 1.23 1.01
N SER A 536 28.59 2.08 0.33
CA SER A 536 28.86 3.44 0.78
C SER A 536 28.99 4.32 -0.45
N ILE A 537 28.87 5.64 -0.27
CA ILE A 537 29.10 6.56 -1.37
C ILE A 537 30.52 6.35 -1.91
N GLN A 538 31.45 6.04 -1.01
CA GLN A 538 32.83 5.78 -1.42
C GLN A 538 32.96 4.49 -2.24
N SER A 539 32.32 3.41 -1.80
CA SER A 539 32.42 2.13 -2.53
C SER A 539 31.71 2.17 -3.89
N LEU A 540 30.62 2.92 -3.96
CA LEU A 540 29.90 3.14 -5.21
C LEU A 540 30.79 3.79 -6.28
N ILE A 541 31.51 4.84 -5.89
CA ILE A 541 32.42 5.54 -6.80
C ILE A 541 33.66 4.68 -7.09
N CYS A 542 34.18 4.05 -6.04
CA CYS A 542 35.34 3.17 -6.18
C CYS A 542 35.13 2.03 -7.18
N ASN A 543 33.96 1.40 -7.14
CA ASN A 543 33.67 0.24 -7.99
C ASN A 543 33.27 0.59 -9.42
N ASN A 544 32.93 1.85 -9.67
CA ASN A 544 32.34 2.25 -10.96
C ASN A 544 33.02 3.40 -11.67
N VAL A 545 34.01 4.02 -11.04
CA VAL A 545 34.70 5.14 -11.64
C VAL A 545 36.19 4.81 -11.79
N LYS A 546 36.72 5.00 -13.00
CA LYS A 546 38.11 4.67 -13.34
C LYS A 546 39.09 5.29 -12.35
N GLY A 547 39.96 4.45 -11.78
CA GLY A 547 40.99 4.91 -10.84
C GLY A 547 40.59 4.99 -9.39
N CYS A 548 39.34 4.61 -9.08
CA CYS A 548 38.79 4.69 -7.72
C CYS A 548 39.19 5.97 -6.97
N PRO A 549 38.70 7.14 -7.42
CA PRO A 549 39.01 8.39 -6.70
C PRO A 549 38.37 8.44 -5.31
N PHE A 550 38.99 9.17 -4.40
CA PHE A 550 38.39 9.43 -3.10
C PHE A 550 37.16 10.32 -3.28
N THR A 551 36.09 10.01 -2.56
CA THR A 551 34.92 10.86 -2.54
C THR A 551 34.25 10.89 -1.15
N SER A 552 33.43 11.91 -0.95
CA SER A 552 32.58 12.03 0.23
C SER A 552 31.56 13.14 -0.02
N PHE A 553 30.69 13.37 0.95
CA PHE A 553 29.68 14.42 0.82
C PHE A 553 30.16 15.76 1.41
N ASN A 554 31.37 15.77 1.96
CA ASN A 554 31.92 17.00 2.52
C ASN A 554 33.31 17.33 1.96
N VAL A 555 33.58 18.63 1.81
CA VAL A 555 34.89 19.10 1.39
C VAL A 555 35.90 18.89 2.51
N HIS B 5 16.36 -29.69 -14.76
CA HIS B 5 15.18 -28.95 -14.20
C HIS B 5 15.53 -28.12 -12.97
N HIS B 6 14.67 -27.17 -12.62
CA HIS B 6 14.85 -26.35 -11.40
C HIS B 6 15.12 -27.24 -10.18
N PRO B 7 16.21 -26.95 -9.43
CA PRO B 7 16.62 -27.70 -8.25
C PRO B 7 15.60 -27.71 -7.13
N CYS B 8 14.68 -26.74 -7.16
CA CYS B 8 13.68 -26.57 -6.10
C CYS B 8 12.33 -27.27 -6.37
N CYS B 9 12.24 -27.95 -7.51
CA CYS B 9 10.99 -28.63 -7.92
C CYS B 9 10.37 -29.54 -6.84
N SER B 10 11.21 -30.20 -6.04
CA SER B 10 10.72 -31.14 -5.03
C SER B 10 10.13 -30.46 -3.79
N ASN B 11 10.14 -29.12 -3.79
CA ASN B 11 9.75 -28.31 -2.62
C ASN B 11 10.43 -28.74 -1.33
N PRO B 12 11.77 -28.75 -1.31
CA PRO B 12 12.50 -29.33 -0.18
C PRO B 12 12.40 -28.54 1.12
N CYS B 13 12.33 -27.20 1.04
CA CYS B 13 12.38 -26.35 2.24
C CYS B 13 11.06 -26.34 2.99
N GLN B 14 11.12 -26.65 4.28
CA GLN B 14 9.93 -26.82 5.11
C GLN B 14 9.73 -25.66 6.07
N ASN B 15 8.55 -25.60 6.68
CA ASN B 15 8.22 -24.62 7.75
C ASN B 15 8.39 -23.16 7.33
N ARG B 16 8.09 -22.90 6.05
CA ARG B 16 8.12 -21.57 5.45
C ARG B 16 9.52 -21.06 5.12
N GLY B 17 10.48 -22.00 5.03
CA GLY B 17 11.81 -21.71 4.52
C GLY B 17 11.74 -21.39 3.02
N GLU B 18 12.60 -20.49 2.56
CA GLU B 18 12.60 -20.10 1.16
C GLU B 18 13.64 -20.88 0.38
N CYS B 19 13.22 -21.42 -0.76
CA CYS B 19 14.10 -22.18 -1.63
C CYS B 19 14.73 -21.33 -2.74
N MET B 20 16.02 -21.51 -2.93
CA MET B 20 16.80 -20.79 -3.95
C MET B 20 17.79 -21.74 -4.59
N SER B 21 17.92 -21.68 -5.91
CA SER B 21 18.92 -22.49 -6.60
C SER B 21 20.32 -21.91 -6.41
N THR B 22 21.30 -22.79 -6.34
CA THR B 22 22.71 -22.44 -6.26
C THR B 22 23.44 -23.37 -7.21
N GLY B 23 23.58 -22.98 -8.48
CA GLY B 23 24.09 -23.87 -9.52
C GLY B 23 22.95 -24.59 -10.23
N PHE B 24 23.29 -25.42 -11.23
CA PHE B 24 22.27 -26.15 -12.00
C PHE B 24 21.61 -27.31 -11.25
N ASP B 25 22.36 -27.96 -10.36
CA ASP B 25 21.89 -29.18 -9.70
C ASP B 25 21.72 -29.08 -8.18
N GLN B 26 21.90 -27.88 -7.63
CA GLN B 26 21.91 -27.71 -6.17
C GLN B 26 20.97 -26.59 -5.72
N TYR B 27 20.48 -26.71 -4.48
CA TYR B 27 19.60 -25.71 -3.90
C TYR B 27 20.07 -25.33 -2.51
N LYS B 28 19.63 -24.17 -2.03
CA LYS B 28 19.90 -23.75 -0.65
C LYS B 28 18.62 -23.20 -0.02
N CYS B 29 18.34 -23.62 1.21
CA CYS B 29 17.16 -23.16 1.95
C CYS B 29 17.46 -21.96 2.86
N ASP B 30 16.58 -20.96 2.84
CA ASP B 30 16.67 -19.81 3.76
C ASP B 30 15.73 -20.03 4.93
N CYS B 31 16.29 -20.26 6.12
CA CYS B 31 15.49 -20.56 7.32
C CYS B 31 15.25 -19.35 8.22
N THR B 32 15.66 -18.17 7.78
CA THR B 32 15.49 -16.93 8.55
C THR B 32 14.09 -16.79 9.17
N ARG B 33 14.09 -16.61 10.49
CA ARG B 33 12.88 -16.41 11.31
C ARG B 33 11.80 -17.49 11.24
N THR B 34 12.14 -18.67 10.71
CA THR B 34 11.18 -19.78 10.66
C THR B 34 11.06 -20.47 12.02
N GLY B 35 12.07 -20.26 12.87
CA GLY B 35 12.18 -21.00 14.14
C GLY B 35 12.80 -22.36 13.93
N PHE B 36 13.36 -22.57 12.74
CA PHE B 36 13.97 -23.84 12.35
C PHE B 36 15.34 -23.60 11.73
N TYR B 37 16.17 -24.63 11.74
CA TYR B 37 17.43 -24.64 11.01
C TYR B 37 17.65 -26.02 10.40
N GLY B 38 18.83 -26.23 9.81
CA GLY B 38 19.14 -27.48 9.13
C GLY B 38 18.99 -27.27 7.64
N GLU B 39 19.50 -28.21 6.85
CA GLU B 39 19.50 -28.06 5.40
C GLU B 39 18.10 -27.70 4.86
N ASN B 40 17.07 -28.31 5.43
CA ASN B 40 15.69 -28.16 4.93
C ASN B 40 14.76 -27.44 5.90
N CYS B 41 15.35 -26.76 6.89
CA CYS B 41 14.61 -26.09 7.96
C CYS B 41 13.64 -27.06 8.66
N THR B 42 14.15 -28.21 9.08
CA THR B 42 13.32 -29.24 9.73
C THR B 42 13.61 -29.44 11.22
N THR B 43 14.84 -29.14 11.64
CA THR B 43 15.20 -29.28 13.05
C THR B 43 14.89 -28.01 13.85
N PRO B 44 13.98 -28.12 14.83
CA PRO B 44 13.48 -26.94 15.54
C PRO B 44 14.42 -26.44 16.63
N GLU B 45 14.41 -25.12 16.83
CA GLU B 45 15.07 -24.51 17.97
C GLU B 45 14.25 -24.79 19.23
N PHE B 46 14.85 -24.58 20.40
CA PHE B 46 14.24 -25.01 21.65
C PHE B 46 12.88 -24.36 21.91
N LEU B 47 12.80 -23.04 21.75
CA LEU B 47 11.55 -22.30 21.97
C LEU B 47 10.43 -22.81 21.04
N THR B 48 10.79 -23.15 19.80
CA THR B 48 9.88 -23.72 18.81
C THR B 48 9.29 -25.04 19.28
N ARG B 49 10.16 -25.91 19.80
CA ARG B 49 9.75 -27.20 20.35
C ARG B 49 8.72 -27.02 21.48
N ILE B 50 8.94 -26.03 22.34
CA ILE B 50 8.00 -25.69 23.41
C ILE B 50 6.71 -25.10 22.84
N LYS B 51 6.86 -24.29 21.79
CA LYS B 51 5.73 -23.65 21.13
C LYS B 51 4.81 -24.66 20.41
N LEU B 52 5.41 -25.70 19.82
CA LEU B 52 4.64 -26.74 19.15
C LEU B 52 3.93 -27.67 20.12
N LEU B 53 4.59 -28.02 21.21
CA LEU B 53 4.00 -28.88 22.25
C LEU B 53 2.74 -28.25 22.87
N LEU B 54 2.73 -26.93 22.99
CA LEU B 54 1.65 -26.21 23.67
C LEU B 54 0.55 -25.68 22.74
N LYS B 55 0.80 -25.70 21.43
CA LYS B 55 -0.16 -25.19 20.44
C LYS B 55 -1.23 -26.23 20.09
N PRO B 56 -2.52 -25.88 20.32
CA PRO B 56 -3.63 -26.75 19.93
C PRO B 56 -3.84 -26.78 18.41
N THR B 57 -4.38 -27.89 17.92
CA THR B 57 -4.70 -28.03 16.51
C THR B 57 -5.93 -27.18 16.16
N PRO B 58 -6.10 -26.85 14.86
CA PRO B 58 -7.31 -26.12 14.45
C PRO B 58 -8.61 -26.87 14.81
N ASN B 59 -8.61 -28.19 14.71
CA ASN B 59 -9.80 -29.00 15.04
C ASN B 59 -10.19 -28.97 16.52
N THR B 60 -9.19 -28.92 17.41
CA THR B 60 -9.40 -28.77 18.85
C THR B 60 -10.03 -27.42 19.15
N VAL B 61 -9.44 -26.37 18.59
CA VAL B 61 -9.94 -25.01 18.76
C VAL B 61 -11.38 -24.91 18.24
N HIS B 62 -11.63 -25.51 17.08
CA HIS B 62 -12.97 -25.49 16.48
C HIS B 62 -14.00 -26.17 17.36
N TYR B 63 -13.63 -27.33 17.91
CA TYR B 63 -14.49 -28.05 18.84
C TYR B 63 -14.88 -27.18 20.04
N ILE B 64 -13.87 -26.59 20.68
CA ILE B 64 -14.07 -25.74 21.86
C ILE B 64 -15.07 -24.61 21.57
N LEU B 65 -14.87 -23.90 20.47
CA LEU B 65 -15.70 -22.77 20.08
C LEU B 65 -17.12 -23.14 19.69
N THR B 66 -17.35 -24.41 19.31
CA THR B 66 -18.68 -24.87 18.90
C THR B 66 -19.31 -25.80 19.93
N HIS B 67 -18.74 -25.83 21.13
CA HIS B 67 -19.30 -26.58 22.24
C HIS B 67 -19.36 -25.68 23.47
N PHE B 68 -19.70 -26.27 24.62
CA PHE B 68 -19.81 -25.54 25.89
C PHE B 68 -20.66 -24.27 25.73
N LYS B 69 -21.80 -24.42 25.06
CA LYS B 69 -22.67 -23.30 24.72
C LYS B 69 -23.10 -22.46 25.92
N GLY B 70 -23.09 -23.08 27.10
CA GLY B 70 -23.41 -22.40 28.35
C GLY B 70 -22.30 -21.47 28.81
N VAL B 71 -21.05 -21.89 28.62
CA VAL B 71 -19.89 -21.07 28.95
C VAL B 71 -19.80 -19.85 28.02
N TRP B 72 -19.96 -20.08 26.72
CA TRP B 72 -19.88 -18.99 25.74
C TRP B 72 -20.95 -17.93 25.96
N ASN B 73 -22.15 -18.36 26.37
CA ASN B 73 -23.24 -17.44 26.73
C ASN B 73 -22.84 -16.45 27.82
N ILE B 74 -22.01 -16.89 28.76
CA ILE B 74 -21.42 -16.03 29.78
C ILE B 74 -20.39 -15.09 29.17
N VAL B 75 -19.41 -15.66 28.46
CA VAL B 75 -18.28 -14.93 27.89
C VAL B 75 -18.73 -13.82 26.93
N ASN B 76 -19.78 -14.11 26.16
CA ASN B 76 -20.38 -13.13 25.25
C ASN B 76 -20.97 -11.91 25.97
N ASN B 77 -21.31 -12.08 27.25
CA ASN B 77 -21.91 -11.00 28.03
C ASN B 77 -20.95 -10.24 28.95
N ILE B 78 -19.69 -10.64 28.99
CA ILE B 78 -18.66 -9.88 29.69
C ILE B 78 -17.75 -9.22 28.65
N PRO B 79 -17.97 -7.90 28.39
CA PRO B 79 -17.27 -7.15 27.36
C PRO B 79 -15.75 -7.36 27.34
N PHE B 80 -15.14 -7.39 28.53
CA PHE B 80 -13.69 -7.59 28.63
C PHE B 80 -13.24 -8.96 28.11
N LEU B 81 -13.99 -10.01 28.45
CA LEU B 81 -13.68 -11.36 27.97
C LEU B 81 -13.92 -11.52 26.46
N ARG B 82 -15.05 -11.00 25.99
CA ARG B 82 -15.37 -11.00 24.57
C ARG B 82 -14.27 -10.33 23.75
N SER B 83 -13.83 -9.15 24.19
CA SER B 83 -12.71 -8.45 23.57
C SER B 83 -11.41 -9.27 23.59
N LEU B 84 -11.16 -9.97 24.68
CA LEU B 84 -9.93 -10.75 24.82
C LEU B 84 -9.89 -11.92 23.84
N ILE B 85 -10.99 -12.66 23.75
CA ILE B 85 -11.07 -13.82 22.87
C ILE B 85 -11.07 -13.38 21.40
N MET B 86 -11.82 -12.32 21.08
CA MET B 86 -11.83 -11.80 19.71
C MET B 86 -10.45 -11.35 19.28
N LYS B 87 -9.70 -10.76 20.21
CA LYS B 87 -8.30 -10.40 19.97
C LYS B 87 -7.45 -11.63 19.63
N TYR B 88 -7.66 -12.72 20.39
CA TYR B 88 -6.96 -13.99 20.13
C TYR B 88 -7.30 -14.57 18.76
N VAL B 89 -8.58 -14.50 18.40
CA VAL B 89 -9.07 -14.95 17.10
C VAL B 89 -8.33 -14.25 15.95
N LEU B 90 -8.20 -12.93 16.07
CA LEU B 90 -7.56 -12.10 15.06
C LEU B 90 -6.04 -12.33 14.92
N THR B 91 -5.35 -12.40 16.06
CA THR B 91 -3.89 -12.44 16.08
C THR B 91 -3.31 -13.81 15.74
N SER B 92 -4.03 -14.87 16.10
CA SER B 92 -3.61 -16.25 15.83
C SER B 92 -3.42 -16.56 14.34
N ARG B 93 -4.02 -15.74 13.47
CA ARG B 93 -3.97 -15.95 12.02
C ARG B 93 -3.22 -14.82 11.31
N SER B 94 -2.34 -14.13 12.04
CA SER B 94 -1.71 -12.92 11.51
C SER B 94 -0.34 -13.16 10.89
N TYR B 95 0.41 -14.11 11.43
CA TYR B 95 1.73 -14.41 10.90
C TYR B 95 1.63 -15.21 9.61
N LEU B 96 0.40 -15.55 9.22
CA LEU B 96 0.18 -16.44 8.08
C LEU B 96 0.20 -15.78 6.70
N ILE B 97 0.02 -14.47 6.63
CA ILE B 97 -0.07 -13.79 5.33
C ILE B 97 1.12 -12.86 5.06
N ASP B 98 1.75 -13.01 3.91
CA ASP B 98 2.81 -12.10 3.45
C ASP B 98 2.25 -10.69 3.18
N SER B 99 2.73 -9.73 3.96
CA SER B 99 2.28 -8.34 3.88
C SER B 99 3.44 -7.40 4.28
N PRO B 100 4.02 -6.64 3.32
CA PRO B 100 3.74 -6.54 1.89
C PRO B 100 3.88 -7.86 1.13
N PRO B 101 3.08 -8.03 0.05
CA PRO B 101 2.97 -9.30 -0.67
C PRO B 101 4.25 -9.67 -1.42
N THR B 102 4.35 -10.94 -1.79
CA THR B 102 5.57 -11.48 -2.36
C THR B 102 5.37 -11.98 -3.79
N TYR B 103 5.13 -13.27 -3.95
CA TYR B 103 5.11 -13.90 -5.26
C TYR B 103 3.83 -13.62 -6.05
N ASN B 104 3.90 -13.86 -7.36
CA ASN B 104 2.72 -13.94 -8.21
C ASN B 104 2.92 -15.01 -9.29
N VAL B 105 2.00 -15.07 -10.25
CA VAL B 105 2.04 -16.13 -11.26
C VAL B 105 3.31 -16.11 -12.12
N HIS B 106 3.89 -14.93 -12.33
CA HIS B 106 5.10 -14.81 -13.16
C HIS B 106 6.39 -14.81 -12.34
N TYR B 107 6.28 -14.65 -11.03
CA TYR B 107 7.46 -14.55 -10.18
C TYR B 107 7.44 -15.50 -9.00
N GLY B 108 8.30 -16.52 -9.07
CA GLY B 108 8.51 -17.48 -7.99
C GLY B 108 9.57 -17.01 -7.00
N TYR B 109 10.19 -15.88 -7.30
CA TYR B 109 11.13 -15.21 -6.41
C TYR B 109 10.61 -13.79 -6.18
N LYS B 110 11.01 -13.18 -5.07
CA LYS B 110 10.62 -11.79 -4.79
C LYS B 110 11.21 -10.83 -5.81
N SER B 111 10.40 -9.90 -6.28
CA SER B 111 10.85 -8.89 -7.22
C SER B 111 10.05 -7.60 -7.08
N TRP B 112 10.66 -6.48 -7.48
CA TRP B 112 9.94 -5.22 -7.48
C TRP B 112 8.72 -5.26 -8.41
N GLU B 113 8.83 -5.98 -9.52
CA GLU B 113 7.71 -6.12 -10.45
C GLU B 113 6.49 -6.74 -9.76
N ALA B 114 6.71 -7.85 -9.04
CA ALA B 114 5.65 -8.52 -8.31
C ALA B 114 5.10 -7.66 -7.18
N PHE B 115 5.98 -6.95 -6.46
CA PHE B 115 5.51 -6.09 -5.39
C PHE B 115 4.65 -4.93 -5.90
N SER B 116 5.12 -4.25 -6.94
CA SER B 116 4.57 -2.95 -7.33
C SER B 116 3.40 -3.01 -8.30
N ASN B 117 3.24 -4.14 -8.98
CA ASN B 117 2.26 -4.25 -10.06
C ASN B 117 0.89 -4.78 -9.60
N LEU B 118 -0.05 -3.87 -9.38
CA LEU B 118 -1.35 -4.21 -8.79
C LEU B 118 -2.28 -5.03 -9.71
N SER B 119 -1.89 -5.18 -10.97
CA SER B 119 -2.69 -5.96 -11.94
C SER B 119 -2.63 -7.46 -11.68
N TYR B 120 -1.66 -7.91 -10.91
CA TYR B 120 -1.55 -9.32 -10.53
C TYR B 120 -2.34 -9.60 -9.26
N TYR B 121 -2.99 -10.77 -9.23
CA TYR B 121 -3.31 -11.40 -7.96
C TYR B 121 -1.97 -11.78 -7.35
N THR B 122 -1.83 -11.66 -6.03
CA THR B 122 -0.61 -12.15 -5.38
C THR B 122 -0.69 -13.67 -5.16
N ARG B 123 0.38 -14.27 -4.67
CA ARG B 123 0.44 -15.73 -4.50
C ARG B 123 0.98 -16.13 -3.13
N ALA B 124 0.19 -16.90 -2.40
CA ALA B 124 0.57 -17.38 -1.07
C ALA B 124 1.67 -18.43 -1.16
N LEU B 125 1.70 -19.14 -2.28
CA LEU B 125 2.80 -20.02 -2.61
C LEU B 125 3.28 -19.74 -4.01
N PRO B 126 4.62 -19.77 -4.21
CA PRO B 126 5.21 -19.55 -5.53
C PRO B 126 4.76 -20.63 -6.52
N PRO B 127 4.67 -20.29 -7.81
CA PRO B 127 4.30 -21.30 -8.79
C PRO B 127 5.38 -22.37 -8.97
N VAL B 128 4.95 -23.59 -9.31
CA VAL B 128 5.83 -24.65 -9.71
C VAL B 128 6.60 -24.16 -10.95
N ALA B 129 7.92 -24.37 -10.97
CA ALA B 129 8.76 -23.92 -12.08
C ALA B 129 8.33 -24.53 -13.42
N ASP B 130 8.47 -23.76 -14.50
CA ASP B 130 8.07 -24.17 -15.85
C ASP B 130 8.65 -25.52 -16.29
N ASP B 131 9.88 -25.83 -15.86
CA ASP B 131 10.60 -26.99 -16.37
C ASP B 131 10.64 -28.20 -15.44
N CYS B 132 9.84 -28.19 -14.37
CA CYS B 132 9.76 -29.34 -13.46
C CYS B 132 9.37 -30.62 -14.21
N PRO B 133 9.94 -31.77 -13.79
CA PRO B 133 9.68 -33.05 -14.51
C PRO B 133 8.24 -33.55 -14.34
N THR B 134 7.54 -32.95 -13.40
CA THR B 134 6.20 -33.39 -13.03
C THR B 134 5.34 -32.16 -12.75
N PRO B 135 4.04 -32.22 -13.06
CA PRO B 135 3.17 -31.04 -12.91
C PRO B 135 3.22 -30.43 -11.52
N MET B 136 3.35 -31.22 -10.46
CA MET B 136 3.36 -30.74 -9.07
C MET B 136 4.71 -30.52 -8.39
N GLY B 137 5.74 -30.85 -9.15
CA GLY B 137 7.12 -30.94 -8.74
C GLY B 137 7.97 -32.10 -9.29
N VAL B 138 8.13 -33.12 -8.48
CA VAL B 138 8.77 -34.34 -8.91
C VAL B 138 7.90 -35.55 -8.70
N LYS B 139 6.85 -35.45 -7.91
CA LYS B 139 5.97 -36.58 -7.57
C LYS B 139 4.76 -36.75 -8.51
N GLY B 140 4.18 -37.94 -8.49
CA GLY B 140 3.03 -38.24 -9.35
C GLY B 140 3.46 -38.62 -10.75
N ASN B 141 2.50 -38.74 -11.65
CA ASN B 141 2.75 -39.11 -13.04
C ASN B 141 3.13 -37.88 -13.88
N LYS B 142 3.50 -38.09 -15.15
CA LYS B 142 3.86 -36.98 -16.05
C LYS B 142 2.69 -36.04 -16.30
N GLU B 143 1.48 -36.59 -16.30
CA GLU B 143 0.27 -35.79 -16.47
C GLU B 143 -0.63 -35.92 -15.25
N LEU B 144 -1.30 -34.83 -14.91
CA LEU B 144 -2.41 -34.85 -13.95
C LEU B 144 -3.61 -35.53 -14.62
N PRO B 145 -4.53 -36.11 -13.82
CA PRO B 145 -5.72 -36.69 -14.44
C PRO B 145 -6.53 -35.66 -15.21
N ASP B 146 -7.18 -36.10 -16.28
CA ASP B 146 -8.10 -35.27 -17.05
C ASP B 146 -9.09 -34.56 -16.11
N SER B 147 -9.22 -33.25 -16.26
CA SER B 147 -10.07 -32.44 -15.39
C SER B 147 -11.54 -32.87 -15.49
N LYS B 148 -11.98 -33.16 -16.73
CA LYS B 148 -13.32 -33.71 -16.98
C LYS B 148 -13.59 -34.96 -16.13
N GLU B 149 -12.60 -35.84 -16.02
CA GLU B 149 -12.74 -37.05 -15.19
C GLU B 149 -12.86 -36.71 -13.71
N VAL B 150 -12.01 -35.80 -13.23
CA VAL B 150 -12.04 -35.39 -11.82
C VAL B 150 -13.39 -34.77 -11.50
N LEU B 151 -13.82 -33.83 -12.34
CA LEU B 151 -15.12 -33.20 -12.25
C LEU B 151 -16.28 -34.22 -12.16
N GLU B 152 -16.33 -35.15 -13.11
CA GLU B 152 -17.47 -36.08 -13.20
C GLU B 152 -17.52 -37.12 -12.08
N LYS B 153 -16.36 -37.61 -11.67
CA LYS B 153 -16.30 -38.65 -10.64
C LYS B 153 -16.65 -38.17 -9.23
N VAL B 154 -16.08 -37.03 -8.81
CA VAL B 154 -16.20 -36.61 -7.41
C VAL B 154 -16.80 -35.23 -7.14
N LEU B 155 -17.08 -34.45 -8.18
CA LEU B 155 -17.48 -33.05 -7.98
C LEU B 155 -18.92 -32.74 -8.35
N LEU B 156 -19.38 -33.31 -9.47
CA LEU B 156 -20.72 -33.04 -9.98
C LEU B 156 -21.82 -33.58 -9.08
N ARG B 157 -22.91 -32.87 -8.94
CA ARG B 157 -24.01 -33.23 -8.04
C ARG B 157 -24.89 -34.38 -8.58
N ARG B 158 -25.15 -35.46 -7.82
CA ARG B 158 -26.31 -36.26 -8.21
C ARG B 158 -27.50 -35.79 -7.37
N GLU B 159 -27.80 -36.28 -6.19
CA GLU B 159 -28.81 -35.58 -5.42
C GLU B 159 -28.31 -34.24 -4.89
N PHE B 160 -29.15 -33.22 -4.84
CA PHE B 160 -28.81 -31.98 -4.15
C PHE B 160 -28.52 -32.28 -2.67
N ILE B 161 -27.40 -31.77 -2.16
CA ILE B 161 -27.06 -31.97 -0.75
C ILE B 161 -27.14 -30.63 -0.02
N PRO B 162 -28.17 -30.46 0.83
CA PRO B 162 -28.40 -29.19 1.52
C PRO B 162 -27.32 -28.92 2.55
N ASP B 163 -27.08 -27.65 2.84
CA ASP B 163 -26.12 -27.26 3.84
C ASP B 163 -26.68 -27.59 5.23
N PRO B 164 -26.01 -28.49 5.98
CA PRO B 164 -26.46 -28.79 7.35
C PRO B 164 -26.41 -27.56 8.29
N GLN B 165 -25.60 -26.55 7.95
CA GLN B 165 -25.57 -25.30 8.71
C GLN B 165 -26.72 -24.35 8.39
N GLY B 166 -27.52 -24.70 7.39
CA GLY B 166 -28.74 -23.94 7.08
C GLY B 166 -28.56 -22.66 6.27
N SER B 167 -27.42 -22.50 5.59
CA SER B 167 -27.18 -21.33 4.74
C SER B 167 -28.32 -21.16 3.73
N ASN B 168 -28.83 -19.94 3.62
CA ASN B 168 -29.91 -19.67 2.67
C ASN B 168 -29.42 -18.97 1.39
N MET B 169 -30.34 -18.55 0.54
CA MET B 169 -29.98 -17.88 -0.70
C MET B 169 -29.59 -16.41 -0.49
N MET B 170 -30.05 -15.84 0.62
CA MET B 170 -29.57 -14.52 1.05
C MET B 170 -28.06 -14.56 1.27
N PHE B 171 -27.58 -15.69 1.79
CA PHE B 171 -26.16 -15.89 2.03
C PHE B 171 -25.39 -16.16 0.73
N ALA B 172 -25.91 -17.05 -0.12
CA ALA B 172 -25.26 -17.37 -1.38
C ALA B 172 -25.05 -16.13 -2.23
N PHE B 173 -26.08 -15.31 -2.38
CA PHE B 173 -25.96 -14.10 -3.17
C PHE B 173 -25.16 -12.99 -2.48
N PHE B 174 -25.15 -12.98 -1.15
CA PHE B 174 -24.32 -11.99 -0.44
C PHE B 174 -22.86 -12.32 -0.71
N ALA B 175 -22.52 -13.60 -0.58
CA ALA B 175 -21.20 -14.10 -0.88
C ALA B 175 -20.78 -13.70 -2.29
N GLN B 176 -21.67 -13.93 -3.25
CA GLN B 176 -21.36 -13.63 -4.65
C GLN B 176 -21.20 -12.13 -4.87
N HIS B 177 -22.11 -11.35 -4.26
CA HIS B 177 -22.08 -9.89 -4.39
C HIS B 177 -20.83 -9.29 -3.75
N PHE B 178 -20.60 -9.64 -2.48
CA PHE B 178 -19.44 -9.15 -1.73
C PHE B 178 -18.08 -9.47 -2.37
N THR B 179 -17.85 -10.73 -2.71
CA THR B 179 -16.54 -11.17 -3.19
C THR B 179 -16.23 -10.66 -4.60
N HIS B 180 -17.28 -10.32 -5.34
CA HIS B 180 -17.07 -9.84 -6.70
C HIS B 180 -16.64 -8.37 -6.84
N GLN B 181 -16.41 -7.69 -5.70
CA GLN B 181 -15.66 -6.44 -5.72
C GLN B 181 -14.15 -6.65 -5.77
N PHE B 182 -13.67 -7.79 -5.25
CA PHE B 182 -12.23 -8.01 -5.21
C PHE B 182 -11.73 -9.21 -6.01
N PHE B 183 -12.66 -10.05 -6.48
CA PHE B 183 -12.34 -11.10 -7.47
C PHE B 183 -12.87 -10.68 -8.84
N LYS B 184 -12.03 -10.03 -9.63
CA LYS B 184 -12.46 -9.51 -10.92
C LYS B 184 -11.41 -9.83 -11.95
N THR B 185 -11.31 -11.12 -12.25
CA THR B 185 -10.25 -11.64 -13.10
C THR B 185 -10.23 -10.96 -14.46
N ASP B 186 -9.05 -10.47 -14.83
CA ASP B 186 -8.83 -9.85 -16.13
C ASP B 186 -8.60 -10.95 -17.17
N HIS B 187 -9.67 -11.36 -17.84
CA HIS B 187 -9.66 -12.47 -18.79
C HIS B 187 -8.87 -12.16 -20.07
N LYS B 188 -8.72 -10.88 -20.38
CA LYS B 188 -7.84 -10.47 -21.48
C LYS B 188 -6.40 -10.89 -21.19
N ARG B 189 -5.94 -10.64 -19.96
CA ARG B 189 -4.55 -10.91 -19.58
C ARG B 189 -4.31 -12.36 -19.13
N GLY B 190 -5.27 -12.93 -18.41
CA GLY B 190 -5.13 -14.27 -17.88
C GLY B 190 -5.66 -14.41 -16.46
N PRO B 191 -5.81 -15.67 -16.00
CA PRO B 191 -6.43 -15.95 -14.69
C PRO B 191 -5.59 -15.46 -13.51
N GLY B 192 -4.31 -15.14 -13.75
CA GLY B 192 -3.45 -14.59 -12.69
C GLY B 192 -3.57 -13.09 -12.51
N PHE B 193 -4.48 -12.47 -13.25
CA PHE B 193 -4.60 -11.02 -13.30
C PHE B 193 -5.96 -10.51 -12.85
N THR B 194 -5.95 -9.38 -12.15
CA THR B 194 -7.17 -8.81 -11.58
C THR B 194 -7.43 -7.40 -12.11
N ARG B 195 -8.70 -7.02 -12.09
CA ARG B 195 -9.12 -5.66 -12.44
C ARG B 195 -9.50 -4.90 -11.18
N GLY B 196 -9.52 -5.58 -10.05
CA GLY B 196 -9.78 -4.96 -8.76
C GLY B 196 -8.51 -4.40 -8.15
N LEU B 197 -8.09 -3.23 -8.61
CA LEU B 197 -6.79 -2.68 -8.23
C LEU B 197 -6.76 -2.12 -6.81
N GLY B 198 -7.94 -1.99 -6.19
CA GLY B 198 -8.04 -1.60 -4.79
C GLY B 198 -7.74 -2.76 -3.87
N HIS B 199 -7.79 -3.98 -4.41
CA HIS B 199 -7.41 -5.20 -3.68
C HIS B 199 -8.13 -5.39 -2.34
N GLY B 200 -9.42 -5.13 -2.30
CA GLY B 200 -10.19 -5.36 -1.10
C GLY B 200 -11.54 -4.69 -1.08
N VAL B 201 -12.00 -4.37 0.12
CA VAL B 201 -13.34 -3.88 0.35
C VAL B 201 -13.35 -2.37 0.12
N ASP B 202 -13.37 -1.96 -1.16
CA ASP B 202 -13.47 -0.55 -1.50
C ASP B 202 -14.86 -0.17 -2.00
N LEU B 203 -15.70 -1.19 -2.20
CA LEU B 203 -17.07 -1.04 -2.71
C LEU B 203 -17.16 -0.53 -4.15
N ASN B 204 -16.14 -0.86 -4.95
CA ASN B 204 -16.15 -0.52 -6.38
C ASN B 204 -17.33 -1.16 -7.13
N HIS B 205 -17.86 -2.24 -6.56
CA HIS B 205 -19.00 -2.94 -7.13
C HIS B 205 -20.29 -2.12 -7.00
N ILE B 206 -20.24 -1.10 -6.15
CA ILE B 206 -21.34 -0.14 -6.02
C ILE B 206 -20.99 1.18 -6.71
N TYR B 207 -19.74 1.62 -6.55
CA TYR B 207 -19.34 2.97 -6.96
C TYR B 207 -18.54 2.99 -8.25
N GLY B 208 -18.05 1.83 -8.69
CA GLY B 208 -17.21 1.76 -9.89
C GLY B 208 -15.73 1.80 -9.59
N GLU B 209 -14.98 1.00 -10.34
CA GLU B 209 -13.53 0.89 -10.22
C GLU B 209 -12.81 2.20 -10.59
N THR B 210 -13.34 2.93 -11.56
CA THR B 210 -12.70 4.18 -12.00
C THR B 210 -13.53 5.41 -11.70
N LEU B 211 -12.85 6.55 -11.63
CA LEU B 211 -13.50 7.82 -11.38
C LEU B 211 -14.49 8.18 -12.51
N ASP B 212 -14.17 7.79 -13.75
CA ASP B 212 -15.11 7.96 -14.86
C ASP B 212 -16.43 7.25 -14.57
N ARG B 213 -16.35 5.97 -14.21
CA ARG B 213 -17.55 5.17 -13.91
C ARG B 213 -18.32 5.77 -12.73
N GLN B 214 -17.62 6.09 -11.65
CA GLN B 214 -18.24 6.73 -10.48
C GLN B 214 -19.03 7.97 -10.89
N HIS B 215 -18.36 8.85 -11.64
CA HIS B 215 -18.96 10.11 -12.04
C HIS B 215 -20.19 9.95 -12.93
N LYS B 216 -20.23 8.88 -13.73
CA LYS B 216 -21.42 8.59 -14.52
C LYS B 216 -22.57 8.00 -13.68
N LEU B 217 -22.21 7.40 -12.54
CA LEU B 217 -23.19 6.77 -11.63
C LEU B 217 -23.76 7.75 -10.60
N ARG B 218 -23.04 8.84 -10.36
CA ARG B 218 -23.41 9.83 -9.36
C ARG B 218 -24.44 10.87 -9.84
N LEU B 219 -25.31 11.31 -8.93
CA LEU B 219 -26.32 12.33 -9.22
C LEU B 219 -25.71 13.73 -9.15
N PHE B 220 -24.69 13.89 -8.31
CA PHE B 220 -24.05 15.20 -8.04
C PHE B 220 -24.95 16.19 -7.30
N LYS B 221 -26.00 15.64 -6.68
CA LYS B 221 -26.85 16.37 -5.76
C LYS B 221 -26.98 15.53 -4.48
N ASP B 222 -26.71 16.15 -3.34
CA ASP B 222 -26.91 15.54 -2.00
C ASP B 222 -26.04 14.32 -1.71
N GLY B 223 -24.94 14.18 -2.44
CA GLY B 223 -24.01 13.06 -2.30
C GLY B 223 -24.48 11.77 -2.93
N LYS B 224 -25.59 11.84 -3.66
CA LYS B 224 -26.34 10.62 -3.99
C LYS B 224 -25.90 9.95 -5.27
N LEU B 225 -26.31 8.68 -5.43
CA LEU B 225 -26.19 7.97 -6.70
C LEU B 225 -27.47 8.10 -7.53
N LYS B 226 -27.31 8.10 -8.86
CA LYS B 226 -28.45 8.06 -9.77
C LYS B 226 -29.31 6.83 -9.55
N TYR B 227 -30.57 6.94 -9.94
CA TYR B 227 -31.56 5.92 -9.73
C TYR B 227 -32.76 6.18 -10.63
N GLN B 228 -33.70 5.24 -10.64
CA GLN B 228 -34.98 5.40 -11.33
C GLN B 228 -36.08 4.91 -10.39
N VAL B 229 -37.30 5.37 -10.63
CA VAL B 229 -38.46 4.95 -9.86
C VAL B 229 -39.43 4.16 -10.75
N ILE B 230 -39.61 2.88 -10.41
CA ILE B 230 -40.54 2.01 -11.11
C ILE B 230 -41.60 1.49 -10.13
N GLY B 231 -42.85 1.84 -10.37
CA GLY B 231 -43.96 1.45 -9.50
C GLY B 231 -43.75 1.94 -8.08
N GLY B 232 -43.20 3.15 -7.96
CA GLY B 232 -42.89 3.74 -6.65
C GLY B 232 -41.68 3.16 -5.95
N GLU B 233 -40.99 2.21 -6.60
CA GLU B 233 -39.80 1.56 -6.02
C GLU B 233 -38.49 2.11 -6.62
N VAL B 234 -37.48 2.30 -5.78
CA VAL B 234 -36.20 2.86 -6.22
C VAL B 234 -35.28 1.77 -6.79
N TYR B 235 -34.91 1.90 -8.06
CA TYR B 235 -34.00 0.95 -8.71
C TYR B 235 -32.78 1.66 -9.30
N PRO B 236 -31.71 0.91 -9.58
CA PRO B 236 -30.54 1.50 -10.23
C PRO B 236 -30.89 2.06 -11.62
N PRO B 237 -30.12 3.05 -12.10
CA PRO B 237 -30.42 3.67 -13.38
C PRO B 237 -30.08 2.74 -14.57
N THR B 238 -30.35 3.18 -15.80
CA THR B 238 -30.09 2.34 -16.96
C THR B 238 -28.76 2.68 -17.63
N VAL B 239 -28.29 1.79 -18.49
CA VAL B 239 -27.11 2.02 -19.33
C VAL B 239 -27.32 3.24 -20.23
N LYS B 240 -28.50 3.34 -20.85
CA LYS B 240 -28.84 4.48 -21.71
C LYS B 240 -28.76 5.82 -20.95
N ASP B 241 -29.27 5.82 -19.73
CA ASP B 241 -29.27 7.00 -18.87
C ASP B 241 -27.85 7.44 -18.47
N THR B 242 -27.02 6.50 -18.05
CA THR B 242 -25.71 6.80 -17.48
C THR B 242 -24.55 6.71 -18.46
N GLN B 243 -24.71 5.91 -19.52
CA GLN B 243 -23.63 5.61 -20.46
C GLN B 243 -22.52 4.78 -19.82
N VAL B 244 -22.93 3.94 -18.88
CA VAL B 244 -22.03 3.06 -18.14
C VAL B 244 -22.04 1.66 -18.77
N GLU B 245 -20.86 1.15 -19.12
CA GLU B 245 -20.75 -0.17 -19.73
C GLU B 245 -21.18 -1.28 -18.78
N MET B 246 -22.05 -2.16 -19.26
CA MET B 246 -22.46 -3.35 -18.53
C MET B 246 -22.37 -4.55 -19.47
N ILE B 247 -22.19 -5.74 -18.90
CA ILE B 247 -22.22 -6.98 -19.67
C ILE B 247 -23.66 -7.53 -19.71
N TYR B 248 -24.31 -7.39 -20.87
CA TYR B 248 -25.65 -7.94 -21.11
C TYR B 248 -25.72 -8.55 -22.50
N PRO B 249 -26.32 -9.74 -22.62
CA PRO B 249 -26.55 -10.32 -23.95
C PRO B 249 -27.45 -9.40 -24.78
N PRO B 250 -27.29 -9.42 -26.13
CA PRO B 250 -27.93 -8.43 -27.02
C PRO B 250 -29.45 -8.35 -26.91
N HIS B 251 -30.10 -9.47 -26.58
CA HIS B 251 -31.56 -9.54 -26.54
C HIS B 251 -32.20 -8.85 -25.33
N ILE B 252 -31.38 -8.39 -24.38
CA ILE B 252 -31.90 -7.68 -23.20
C ILE B 252 -32.35 -6.27 -23.57
N PRO B 253 -33.64 -5.94 -23.31
CA PRO B 253 -34.17 -4.63 -23.71
C PRO B 253 -33.58 -3.46 -22.91
N GLU B 254 -33.55 -2.31 -23.57
CA GLU B 254 -32.98 -1.07 -23.03
CA GLU B 254 -32.99 -1.06 -23.04
C GLU B 254 -33.30 -0.84 -21.54
N ASN B 255 -34.58 -0.92 -21.19
CA ASN B 255 -35.05 -0.63 -19.83
C ASN B 255 -34.61 -1.65 -18.76
N LEU B 256 -34.16 -2.82 -19.20
CA LEU B 256 -33.74 -3.88 -18.27
C LEU B 256 -32.21 -4.00 -18.21
N GLN B 257 -31.53 -2.99 -18.72
CA GLN B 257 -30.08 -2.92 -18.67
C GLN B 257 -29.69 -1.96 -17.56
N PHE B 258 -29.77 -2.46 -16.33
CA PHE B 258 -29.44 -1.66 -15.15
C PHE B 258 -27.95 -1.40 -15.08
N ALA B 259 -27.58 -0.16 -14.79
CA ALA B 259 -26.19 0.23 -14.64
C ALA B 259 -25.80 0.30 -13.15
N VAL B 260 -24.86 -0.55 -12.77
CA VAL B 260 -24.30 -0.58 -11.41
C VAL B 260 -22.77 -0.60 -11.42
N GLY B 261 -22.16 -0.39 -10.26
CA GLY B 261 -20.70 -0.34 -10.14
C GLY B 261 -19.94 -1.49 -10.78
N GLN B 262 -20.42 -2.72 -10.58
CA GLN B 262 -19.82 -3.91 -11.15
C GLN B 262 -20.54 -4.30 -12.45
N GLU B 263 -19.78 -4.39 -13.54
CA GLU B 263 -20.35 -4.65 -14.86
C GLU B 263 -21.03 -6.02 -15.06
N VAL B 264 -20.69 -7.01 -14.23
CA VAL B 264 -21.32 -8.34 -14.34
C VAL B 264 -22.58 -8.54 -13.49
N PHE B 265 -23.00 -7.53 -12.73
CA PHE B 265 -24.11 -7.74 -11.77
C PHE B 265 -25.49 -7.89 -12.41
N GLY B 266 -25.58 -7.63 -13.72
CA GLY B 266 -26.81 -7.92 -14.48
C GLY B 266 -27.02 -9.40 -14.75
N LEU B 267 -25.96 -10.20 -14.56
CA LEU B 267 -25.98 -11.65 -14.81
C LEU B 267 -27.08 -12.34 -14.01
N VAL B 268 -27.19 -11.97 -12.74
CA VAL B 268 -28.06 -12.66 -11.82
C VAL B 268 -28.95 -11.66 -11.09
N PRO B 269 -30.28 -11.90 -11.08
CA PRO B 269 -31.21 -11.05 -10.33
C PRO B 269 -30.90 -11.06 -8.83
N GLY B 270 -30.36 -12.16 -8.32
CA GLY B 270 -29.88 -12.23 -6.95
C GLY B 270 -28.79 -11.21 -6.66
N LEU B 271 -27.97 -10.92 -7.68
CA LEU B 271 -26.96 -9.88 -7.58
C LEU B 271 -27.56 -8.48 -7.69
N MET B 272 -28.54 -8.32 -8.57
CA MET B 272 -29.24 -7.04 -8.74
C MET B 272 -30.06 -6.66 -7.52
N MET B 273 -30.56 -7.67 -6.80
CA MET B 273 -31.25 -7.45 -5.54
C MET B 273 -30.32 -6.72 -4.55
N TYR B 274 -29.12 -7.27 -4.32
CA TYR B 274 -28.15 -6.60 -3.45
C TYR B 274 -27.66 -5.25 -3.97
N ALA B 275 -27.55 -5.11 -5.29
CA ALA B 275 -27.08 -3.85 -5.87
C ALA B 275 -28.09 -2.73 -5.57
N THR B 276 -29.37 -3.08 -5.65
CA THR B 276 -30.45 -2.13 -5.40
C THR B 276 -30.52 -1.77 -3.93
N ILE B 277 -30.40 -2.78 -3.08
CA ILE B 277 -30.38 -2.59 -1.63
C ILE B 277 -29.24 -1.66 -1.20
N TRP B 278 -28.04 -1.89 -1.75
CA TRP B 278 -26.88 -1.08 -1.38
C TRP B 278 -26.93 0.33 -1.96
N LEU B 279 -27.49 0.46 -3.16
CA LEU B 279 -27.77 1.76 -3.73
C LEU B 279 -28.75 2.56 -2.84
N ARG B 280 -29.79 1.90 -2.36
CA ARG B 280 -30.75 2.54 -1.46
C ARG B 280 -30.07 2.96 -0.16
N GLU B 281 -29.25 2.07 0.39
CA GLU B 281 -28.52 2.36 1.63
C GLU B 281 -27.64 3.60 1.50
N HIS B 282 -26.93 3.73 0.37
CA HIS B 282 -26.07 4.89 0.17
C HIS B 282 -26.86 6.21 0.20
N ASN B 283 -27.98 6.24 -0.51
CA ASN B 283 -28.83 7.43 -0.56
C ASN B 283 -29.55 7.70 0.76
N ARG B 284 -29.83 6.64 1.51
CA ARG B 284 -30.37 6.76 2.86
C ARG B 284 -29.35 7.47 3.75
N VAL B 285 -28.09 7.04 3.65
CA VAL B 285 -27.03 7.59 4.50
C VAL B 285 -26.71 9.05 4.12
N CYS B 286 -26.73 9.34 2.81
CA CYS B 286 -26.71 10.72 2.33
C CYS B 286 -27.78 11.59 3.01
N ASP B 287 -29.02 11.09 3.11
CA ASP B 287 -30.13 11.81 3.77
C ASP B 287 -29.84 12.10 5.23
N ILE B 288 -29.26 11.13 5.92
CA ILE B 288 -28.91 11.27 7.33
C ILE B 288 -27.80 12.31 7.51
N LEU B 289 -26.73 12.17 6.74
CA LEU B 289 -25.60 13.10 6.83
C LEU B 289 -25.98 14.54 6.49
N LYS B 290 -26.91 14.70 5.54
CA LYS B 290 -27.37 16.04 5.16
C LYS B 290 -28.13 16.71 6.30
N GLN B 291 -28.90 15.93 7.05
CA GLN B 291 -29.61 16.40 8.24
C GLN B 291 -28.62 16.82 9.35
N GLU B 292 -27.55 16.05 9.52
CA GLU B 292 -26.53 16.36 10.52
C GLU B 292 -25.63 17.50 10.06
N HIS B 293 -25.52 17.68 8.75
CA HIS B 293 -24.63 18.66 8.16
C HIS B 293 -25.31 19.45 7.03
N PRO B 294 -26.27 20.33 7.37
CA PRO B 294 -26.90 21.18 6.35
C PRO B 294 -25.89 21.98 5.52
N GLU B 295 -24.66 22.11 6.03
CA GLU B 295 -23.63 22.93 5.43
C GLU B 295 -22.72 22.19 4.43
N TRP B 296 -22.81 20.87 4.37
CA TRP B 296 -21.93 20.09 3.50
C TRP B 296 -22.38 20.16 2.05
N GLY B 297 -21.40 20.03 1.15
CA GLY B 297 -21.67 19.93 -0.28
C GLY B 297 -21.82 18.49 -0.73
N ASP B 298 -22.21 18.33 -1.99
CA ASP B 298 -22.41 17.03 -2.59
C ASP B 298 -21.19 16.12 -2.44
N GLU B 299 -20.00 16.66 -2.67
CA GLU B 299 -18.78 15.86 -2.68
C GLU B 299 -18.49 15.24 -1.31
N GLN B 300 -18.52 16.06 -0.25
CA GLN B 300 -18.26 15.52 1.09
C GLN B 300 -19.33 14.51 1.49
N LEU B 301 -20.57 14.76 1.07
CA LEU B 301 -21.67 13.85 1.38
C LEU B 301 -21.47 12.50 0.70
N PHE B 302 -21.06 12.52 -0.57
CA PHE B 302 -20.82 11.27 -1.29
C PHE B 302 -19.69 10.47 -0.63
N GLN B 303 -18.58 11.14 -0.35
CA GLN B 303 -17.37 10.47 0.13
C GLN B 303 -17.57 9.87 1.53
N THR B 304 -18.24 10.62 2.40
CA THR B 304 -18.50 10.19 3.77
C THR B 304 -19.50 9.02 3.79
N SER B 305 -20.50 9.06 2.92
CA SER B 305 -21.42 7.94 2.78
C SER B 305 -20.68 6.67 2.36
N ARG B 306 -19.70 6.83 1.47
CA ARG B 306 -18.91 5.69 0.99
C ARG B 306 -18.13 5.05 2.13
N LEU B 307 -17.52 5.87 2.97
CA LEU B 307 -16.72 5.34 4.08
C LEU B 307 -17.62 4.64 5.09
N ILE B 308 -18.80 5.20 5.33
CA ILE B 308 -19.80 4.57 6.20
C ILE B 308 -20.20 3.20 5.64
N LEU B 309 -20.54 3.12 4.35
CA LEU B 309 -20.94 1.84 3.75
C LEU B 309 -19.82 0.79 3.82
N ILE B 310 -18.58 1.23 3.60
CA ILE B 310 -17.41 0.35 3.74
C ILE B 310 -17.40 -0.27 5.14
N GLY B 311 -17.55 0.59 6.16
CA GLY B 311 -17.69 0.16 7.55
C GLY B 311 -18.86 -0.80 7.76
N GLU B 312 -20.03 -0.43 7.27
CA GLU B 312 -21.20 -1.30 7.34
C GLU B 312 -20.90 -2.70 6.80
N THR B 313 -20.28 -2.74 5.62
CA THR B 313 -19.94 -3.98 4.96
C THR B 313 -19.05 -4.82 5.85
N ILE B 314 -17.97 -4.24 6.37
CA ILE B 314 -17.02 -4.96 7.20
C ILE B 314 -17.71 -5.50 8.44
N LYS B 315 -18.54 -4.65 9.07
CA LYS B 315 -19.29 -5.04 10.24
C LYS B 315 -20.19 -6.25 9.95
N ILE B 316 -20.98 -6.15 8.89
CA ILE B 316 -21.91 -7.20 8.51
C ILE B 316 -21.13 -8.49 8.18
N VAL B 317 -20.03 -8.35 7.43
CA VAL B 317 -19.24 -9.50 7.04
C VAL B 317 -18.74 -10.27 8.26
N ILE B 318 -18.17 -9.56 9.22
CA ILE B 318 -17.64 -10.21 10.41
C ILE B 318 -18.74 -10.77 11.32
N GLU B 319 -19.71 -9.93 11.67
CA GLU B 319 -20.64 -10.27 12.76
C GLU B 319 -21.89 -11.05 12.36
N ASP B 320 -22.21 -11.06 11.06
CA ASP B 320 -23.32 -11.87 10.53
C ASP B 320 -22.83 -12.98 9.59
N TYR B 321 -21.99 -12.61 8.64
CA TYR B 321 -21.55 -13.53 7.59
C TYR B 321 -20.54 -14.57 8.09
N VAL B 322 -19.43 -14.11 8.64
CA VAL B 322 -18.40 -15.01 9.14
C VAL B 322 -18.93 -15.71 10.38
N GLN B 323 -19.70 -15.00 11.20
CA GLN B 323 -20.37 -15.60 12.35
C GLN B 323 -21.17 -16.83 11.97
N HIS B 324 -22.01 -16.68 10.95
CA HIS B 324 -22.81 -17.79 10.43
C HIS B 324 -21.95 -18.96 9.96
N LEU B 325 -20.96 -18.68 9.11
CA LEU B 325 -20.05 -19.72 8.59
C LEU B 325 -19.31 -20.48 9.69
N SER B 326 -18.91 -19.76 10.74
CA SER B 326 -18.09 -20.33 11.81
C SER B 326 -18.84 -21.41 12.58
N GLY B 327 -20.13 -21.16 12.85
CA GLY B 327 -20.93 -22.01 13.73
C GLY B 327 -20.56 -21.86 15.20
N TYR B 328 -19.74 -20.85 15.50
CA TYR B 328 -19.26 -20.61 16.86
C TYR B 328 -20.39 -20.15 17.76
N HIS B 329 -20.31 -20.56 19.03
CA HIS B 329 -21.19 -20.01 20.06
C HIS B 329 -20.66 -18.66 20.53
N PHE B 330 -19.35 -18.47 20.40
CA PHE B 330 -18.71 -17.18 20.66
C PHE B 330 -19.18 -16.13 19.63
N LYS B 331 -19.56 -14.95 20.13
CA LYS B 331 -20.04 -13.87 19.28
C LYS B 331 -18.85 -13.03 18.81
N LEU B 332 -18.48 -13.20 17.55
CA LEU B 332 -17.41 -12.42 16.93
C LEU B 332 -17.71 -10.92 16.99
N LYS B 333 -16.66 -10.11 16.98
CA LYS B 333 -16.80 -8.67 17.17
C LYS B 333 -15.99 -7.90 16.12
N PHE B 334 -16.61 -6.89 15.52
CA PHE B 334 -15.86 -5.98 14.67
C PHE B 334 -15.41 -4.79 15.50
N ASP B 335 -14.13 -4.79 15.86
CA ASP B 335 -13.54 -3.72 16.64
C ASP B 335 -12.07 -3.51 16.25
N PRO B 336 -11.81 -2.53 15.37
CA PRO B 336 -10.46 -2.12 14.97
C PRO B 336 -9.50 -1.87 16.14
N GLU B 337 -10.01 -1.32 17.24
CA GLU B 337 -9.23 -1.03 18.45
C GLU B 337 -8.45 -2.22 19.02
N LEU B 338 -8.96 -3.42 18.78
CA LEU B 338 -8.32 -4.65 19.25
C LEU B 338 -6.93 -4.87 18.67
N LEU B 339 -6.63 -4.19 17.57
CA LEU B 339 -5.34 -4.34 16.89
C LEU B 339 -4.37 -3.18 17.14
N PHE B 340 -4.80 -2.20 17.93
CA PHE B 340 -4.00 -0.97 18.12
C PHE B 340 -2.69 -1.12 18.90
N ASN B 341 -2.59 -2.11 19.78
CA ASN B 341 -1.27 -2.43 20.36
C ASN B 341 -0.66 -3.75 19.84
N GLN B 342 -1.08 -4.12 18.64
CA GLN B 342 -0.57 -5.30 17.96
C GLN B 342 0.26 -4.88 16.75
N GLN B 343 1.10 -5.79 16.27
CA GLN B 343 1.82 -5.57 15.02
C GLN B 343 0.92 -6.07 13.90
N PHE B 344 0.42 -5.14 13.09
CA PHE B 344 -0.49 -5.47 11.99
C PHE B 344 -0.30 -4.49 10.85
N GLN B 345 -0.36 -4.97 9.61
CA GLN B 345 -0.17 -4.11 8.42
C GLN B 345 -1.51 -3.71 7.80
N TYR B 346 -1.80 -2.41 7.79
CA TYR B 346 -3.04 -1.93 7.17
C TYR B 346 -2.87 -1.83 5.64
N GLN B 347 -2.83 -2.99 5.01
CA GLN B 347 -2.71 -3.10 3.56
C GLN B 347 -3.15 -4.49 3.13
N ASN B 348 -3.59 -4.61 1.87
CA ASN B 348 -4.02 -5.90 1.36
C ASN B 348 -3.71 -6.08 -0.11
N ARG B 349 -3.44 -7.32 -0.47
CA ARG B 349 -3.28 -7.72 -1.86
C ARG B 349 -4.01 -9.05 -2.01
N ILE B 350 -4.95 -9.11 -2.94
CA ILE B 350 -5.78 -10.29 -3.13
C ILE B 350 -4.94 -11.46 -3.66
N ALA B 351 -5.03 -12.60 -2.98
CA ALA B 351 -4.28 -13.80 -3.37
C ALA B 351 -5.06 -14.61 -4.39
N SER B 352 -4.36 -15.09 -5.42
CA SER B 352 -4.96 -15.99 -6.39
C SER B 352 -5.68 -17.18 -5.73
N GLU B 353 -5.07 -17.71 -4.67
CA GLU B 353 -5.60 -18.88 -3.99
C GLU B 353 -6.85 -18.58 -3.18
N PHE B 354 -6.99 -17.33 -2.72
CA PHE B 354 -8.20 -16.86 -2.05
C PHE B 354 -9.37 -16.90 -3.02
N ASN B 355 -9.12 -16.41 -4.23
CA ASN B 355 -10.08 -16.52 -5.32
C ASN B 355 -10.48 -17.97 -5.56
N THR B 356 -9.49 -18.84 -5.76
CA THR B 356 -9.74 -20.26 -6.08
C THR B 356 -10.55 -20.98 -4.98
N LEU B 357 -10.20 -20.77 -3.72
CA LEU B 357 -10.88 -21.42 -2.61
C LEU B 357 -12.32 -20.92 -2.46
N TYR B 358 -12.62 -19.78 -3.07
CA TYR B 358 -13.92 -19.13 -2.92
C TYR B 358 -14.90 -19.51 -4.03
N HIS B 359 -14.50 -20.45 -4.88
CA HIS B 359 -15.40 -20.95 -5.91
C HIS B 359 -16.42 -21.93 -5.30
N TRP B 360 -17.31 -21.36 -4.48
CA TRP B 360 -18.33 -22.11 -3.74
C TRP B 360 -19.57 -22.41 -4.57
N HIS B 361 -19.38 -23.01 -5.74
CA HIS B 361 -20.53 -23.27 -6.59
CA HIS B 361 -20.47 -23.38 -6.67
C HIS B 361 -21.48 -24.35 -6.07
N PRO B 362 -21.04 -25.20 -5.11
CA PRO B 362 -22.07 -26.09 -4.56
C PRO B 362 -23.17 -25.38 -3.74
N LEU B 363 -22.96 -24.13 -3.33
CA LEU B 363 -24.01 -23.36 -2.66
C LEU B 363 -25.26 -23.23 -3.51
N LEU B 364 -25.08 -23.20 -4.83
CA LEU B 364 -26.18 -22.91 -5.74
C LEU B 364 -27.19 -24.06 -5.80
N PRO B 365 -28.49 -23.73 -5.76
CA PRO B 365 -29.56 -24.75 -5.81
C PRO B 365 -29.77 -25.31 -7.22
N ASP B 366 -30.67 -26.27 -7.35
CA ASP B 366 -31.06 -26.80 -8.66
C ASP B 366 -31.97 -25.81 -9.34
N THR B 367 -32.71 -25.07 -8.53
CA THR B 367 -33.80 -24.22 -8.96
C THR B 367 -33.91 -23.02 -8.05
N PHE B 368 -34.27 -21.87 -8.61
CA PHE B 368 -34.43 -20.64 -7.81
C PHE B 368 -35.91 -20.38 -7.49
N ASN B 369 -36.25 -20.52 -6.20
CA ASN B 369 -37.64 -20.53 -5.75
C ASN B 369 -38.11 -19.18 -5.20
N ILE B 370 -38.84 -18.43 -6.03
CA ILE B 370 -39.38 -17.14 -5.64
C ILE B 370 -40.91 -17.22 -5.60
N GLU B 371 -41.47 -16.97 -4.41
CA GLU B 371 -42.91 -17.03 -4.19
C GLU B 371 -43.37 -18.46 -4.54
N ASP B 372 -44.26 -18.60 -5.52
CA ASP B 372 -44.70 -19.93 -5.92
C ASP B 372 -44.09 -20.39 -7.25
N GLN B 373 -43.07 -19.70 -7.72
CA GLN B 373 -42.42 -20.04 -8.99
C GLN B 373 -41.09 -20.74 -8.73
N GLU B 374 -40.68 -21.59 -9.68
CA GLU B 374 -39.43 -22.34 -9.60
C GLU B 374 -38.62 -22.18 -10.88
N TYR B 375 -37.71 -21.22 -10.88
CA TYR B 375 -36.94 -20.86 -12.08
C TYR B 375 -35.70 -21.73 -12.25
N SER B 376 -35.50 -22.21 -13.48
CA SER B 376 -34.30 -22.94 -13.86
C SER B 376 -33.16 -21.94 -14.00
N PHE B 377 -31.94 -22.43 -14.18
CA PHE B 377 -30.79 -21.57 -14.48
C PHE B 377 -30.99 -20.75 -15.74
N LYS B 378 -31.45 -21.41 -16.81
CA LYS B 378 -31.73 -20.78 -18.10
C LYS B 378 -32.70 -19.60 -17.93
N GLN B 379 -33.70 -19.79 -17.07
CA GLN B 379 -34.74 -18.79 -16.83
C GLN B 379 -34.26 -17.65 -15.94
N PHE B 380 -33.42 -17.99 -14.97
CA PHE B 380 -32.95 -17.02 -13.98
C PHE B 380 -31.91 -16.07 -14.53
N LEU B 381 -30.97 -16.60 -15.32
CA LEU B 381 -29.83 -15.81 -15.81
C LEU B 381 -30.24 -14.67 -16.72
N TYR B 382 -29.68 -13.50 -16.44
CA TYR B 382 -29.88 -12.28 -17.23
C TYR B 382 -31.31 -11.77 -17.24
N ASN B 383 -32.10 -12.20 -16.26
CA ASN B 383 -33.51 -11.91 -16.26
C ASN B 383 -33.95 -11.04 -15.10
N ASN B 384 -33.88 -9.74 -15.30
CA ASN B 384 -34.23 -8.79 -14.24
C ASN B 384 -35.73 -8.53 -14.12
N SER B 385 -36.49 -8.96 -15.13
CA SER B 385 -37.95 -8.98 -15.07
C SER B 385 -38.46 -9.75 -13.86
N ILE B 386 -37.77 -10.85 -13.52
CA ILE B 386 -38.09 -11.65 -12.35
C ILE B 386 -38.05 -10.78 -11.10
N LEU B 387 -37.06 -9.89 -11.02
CA LEU B 387 -36.90 -8.97 -9.90
C LEU B 387 -38.02 -7.93 -9.84
N LEU B 388 -38.31 -7.32 -10.99
CA LEU B 388 -39.34 -6.28 -11.09
C LEU B 388 -40.74 -6.82 -10.88
N GLU B 389 -40.95 -8.08 -11.25
CA GLU B 389 -42.28 -8.67 -11.18
C GLU B 389 -42.64 -9.06 -9.75
N HIS B 390 -41.71 -9.73 -9.07
CA HIS B 390 -41.93 -10.17 -7.69
C HIS B 390 -41.72 -9.06 -6.66
N GLY B 391 -40.72 -8.20 -6.90
CA GLY B 391 -40.36 -7.15 -5.96
C GLY B 391 -39.25 -7.59 -5.02
N LEU B 392 -38.56 -6.63 -4.42
CA LEU B 392 -37.49 -6.92 -3.46
C LEU B 392 -37.97 -7.59 -2.18
N THR B 393 -39.17 -7.23 -1.71
CA THR B 393 -39.73 -7.81 -0.49
C THR B 393 -39.92 -9.33 -0.64
N GLN B 394 -40.52 -9.73 -1.75
CA GLN B 394 -40.70 -11.14 -2.07
C GLN B 394 -39.38 -11.87 -2.34
N PHE B 395 -38.45 -11.23 -3.03
CA PHE B 395 -37.11 -11.79 -3.20
C PHE B 395 -36.48 -12.11 -1.84
N VAL B 396 -36.47 -11.14 -0.93
CA VAL B 396 -35.90 -11.33 0.40
C VAL B 396 -36.62 -12.45 1.13
N GLU B 397 -37.95 -12.40 1.16
CA GLU B 397 -38.73 -13.44 1.85
C GLU B 397 -38.43 -14.85 1.30
N SER B 398 -38.34 -14.96 -0.03
CA SER B 398 -38.12 -16.24 -0.69
C SER B 398 -36.70 -16.76 -0.44
N PHE B 399 -35.72 -15.89 -0.64
CA PHE B 399 -34.32 -16.26 -0.46
C PHE B 399 -33.96 -16.59 1.00
N THR B 400 -34.65 -15.95 1.94
CA THR B 400 -34.47 -16.25 3.36
C THR B 400 -34.92 -17.69 3.66
N ARG B 401 -35.97 -18.13 2.97
CA ARG B 401 -36.52 -19.48 3.14
C ARG B 401 -35.73 -20.60 2.44
N GLN B 402 -35.15 -20.31 1.27
CA GLN B 402 -34.54 -21.34 0.43
C GLN B 402 -33.11 -21.72 0.81
N ILE B 403 -32.90 -22.99 1.15
CA ILE B 403 -31.59 -23.49 1.59
C ILE B 403 -30.55 -23.62 0.46
N ALA B 404 -29.28 -23.41 0.82
CA ALA B 404 -28.14 -23.55 -0.08
C ALA B 404 -27.50 -24.93 0.03
N GLY B 405 -26.60 -25.26 -0.89
CA GLY B 405 -25.93 -26.55 -0.91
C GLY B 405 -24.66 -26.59 -0.08
N ARG B 406 -24.32 -27.78 0.40
CA ARG B 406 -23.06 -28.00 1.11
C ARG B 406 -21.87 -27.89 0.17
N VAL B 407 -20.83 -27.18 0.60
CA VAL B 407 -19.64 -26.94 -0.24
C VAL B 407 -18.66 -28.11 -0.20
N ALA B 408 -18.24 -28.50 1.01
CA ALA B 408 -17.41 -29.69 1.20
C ALA B 408 -18.24 -30.97 1.10
N GLY B 409 -17.58 -32.12 1.21
CA GLY B 409 -18.27 -33.42 1.24
C GLY B 409 -18.46 -34.11 -0.10
N GLY B 410 -18.07 -33.44 -1.18
CA GLY B 410 -18.08 -34.03 -2.52
C GLY B 410 -19.41 -33.99 -3.24
N ARG B 411 -19.33 -34.10 -4.57
CA ARG B 411 -20.49 -34.31 -5.45
C ARG B 411 -21.68 -33.38 -5.18
N ASN B 412 -21.44 -32.08 -5.21
CA ASN B 412 -22.53 -31.13 -5.05
C ASN B 412 -22.48 -29.92 -5.97
N VAL B 413 -21.65 -29.97 -7.01
CA VAL B 413 -21.58 -28.88 -7.99
C VAL B 413 -22.67 -29.07 -9.03
N PRO B 414 -23.59 -28.09 -9.16
CA PRO B 414 -24.69 -28.21 -10.12
C PRO B 414 -24.21 -28.37 -11.56
N ILE B 415 -24.77 -29.36 -12.25
CA ILE B 415 -24.46 -29.60 -13.67
C ILE B 415 -24.51 -28.33 -14.52
N ALA B 416 -25.39 -27.39 -14.17
CA ALA B 416 -25.55 -26.14 -14.92
C ALA B 416 -24.28 -25.30 -14.98
N VAL B 417 -23.42 -25.41 -13.97
CA VAL B 417 -22.15 -24.66 -13.94
C VAL B 417 -20.92 -25.56 -14.04
N GLN B 418 -21.06 -26.71 -14.68
CA GLN B 418 -19.96 -27.67 -14.80
C GLN B 418 -18.75 -27.07 -15.53
N ALA B 419 -19.01 -26.25 -16.55
CA ALA B 419 -17.92 -25.65 -17.32
C ALA B 419 -17.07 -24.74 -16.43
N VAL B 420 -17.73 -24.04 -15.53
CA VAL B 420 -17.10 -23.15 -14.56
C VAL B 420 -16.18 -23.96 -13.64
N ALA B 421 -16.69 -25.06 -13.10
CA ALA B 421 -15.91 -25.91 -12.20
C ALA B 421 -14.68 -26.51 -12.87
N LYS B 422 -14.84 -26.90 -14.14
CA LYS B 422 -13.74 -27.47 -14.92
C LYS B 422 -12.67 -26.41 -15.18
N ALA B 423 -13.13 -25.18 -15.36
CA ALA B 423 -12.23 -24.05 -15.60
C ALA B 423 -11.38 -23.77 -14.37
N SER B 424 -11.92 -24.03 -13.18
CA SER B 424 -11.18 -23.78 -11.95
C SER B 424 -10.01 -24.72 -11.80
N ILE B 425 -10.21 -25.98 -12.16
CA ILE B 425 -9.14 -26.98 -12.15
C ILE B 425 -8.13 -26.60 -13.24
N ASP B 426 -8.62 -26.36 -14.46
CA ASP B 426 -7.78 -26.05 -15.60
C ASP B 426 -6.92 -24.81 -15.36
N GLN B 427 -7.52 -23.77 -14.79
CA GLN B 427 -6.80 -22.52 -14.56
C GLN B 427 -5.84 -22.60 -13.39
N SER B 428 -6.17 -23.38 -12.36
CA SER B 428 -5.22 -23.68 -11.30
C SER B 428 -3.93 -24.27 -11.90
N ARG B 429 -4.13 -25.14 -12.90
CA ARG B 429 -3.05 -25.84 -13.57
C ARG B 429 -2.20 -24.94 -14.46
N GLU B 430 -2.84 -24.05 -15.22
CA GLU B 430 -2.07 -23.15 -16.06
C GLU B 430 -1.40 -22.04 -15.24
N MET B 431 -1.91 -21.77 -14.04
CA MET B 431 -1.27 -20.86 -13.10
C MET B 431 -0.20 -21.58 -12.26
N LYS B 432 -0.07 -22.87 -12.50
CA LYS B 432 0.94 -23.74 -11.85
C LYS B 432 0.85 -23.76 -10.32
N TYR B 433 -0.37 -23.90 -9.79
CA TYR B 433 -0.56 -24.06 -8.35
C TYR B 433 0.17 -25.28 -7.84
N GLN B 434 0.85 -25.14 -6.70
CA GLN B 434 1.36 -26.29 -5.95
C GLN B 434 0.22 -27.15 -5.42
N SER B 435 0.58 -28.28 -4.82
CA SER B 435 -0.40 -29.28 -4.40
C SER B 435 -1.11 -28.88 -3.11
N LEU B 436 -2.21 -29.58 -2.83
CA LEU B 436 -2.98 -29.41 -1.59
C LEU B 436 -2.11 -29.54 -0.36
N ASN B 437 -1.32 -30.61 -0.31
CA ASN B 437 -0.45 -30.83 0.86
C ASN B 437 0.58 -29.71 1.08
N GLU B 438 1.08 -29.14 -0.01
CA GLU B 438 1.96 -27.97 0.07
C GLU B 438 1.22 -26.78 0.66
N TYR B 439 -0.02 -26.56 0.24
CA TYR B 439 -0.83 -25.47 0.77
C TYR B 439 -1.21 -25.67 2.23
N ARG B 440 -1.41 -26.92 2.62
CA ARG B 440 -1.70 -27.25 4.02
C ARG B 440 -0.50 -26.96 4.92
N LYS B 441 0.70 -27.31 4.48
CA LYS B 441 1.91 -27.09 5.28
C LYS B 441 2.23 -25.60 5.36
N ARG B 442 1.97 -24.90 4.27
CA ARG B 442 2.14 -23.45 4.21
C ARG B 442 1.27 -22.75 5.27
N PHE B 443 0.09 -23.34 5.54
CA PHE B 443 -0.83 -22.78 6.51
C PHE B 443 -0.84 -23.52 7.86
N SER B 444 0.29 -24.16 8.16
CA SER B 444 0.54 -24.82 9.45
C SER B 444 -0.40 -25.98 9.76
N LEU B 445 -0.81 -26.71 8.73
CA LEU B 445 -1.64 -27.91 8.88
C LEU B 445 -0.84 -29.15 8.53
N LYS B 446 -1.10 -30.24 9.26
CA LYS B 446 -0.51 -31.55 8.96
C LYS B 446 -0.95 -32.01 7.55
N PRO B 447 0.00 -32.45 6.70
CA PRO B 447 -0.39 -32.96 5.40
C PRO B 447 -1.24 -34.23 5.51
N TYR B 448 -2.18 -34.40 4.58
CA TYR B 448 -2.98 -35.63 4.51
C TYR B 448 -2.09 -36.78 4.08
N THR B 449 -2.18 -37.90 4.80
CA THR B 449 -1.36 -39.09 4.53
C THR B 449 -2.03 -40.06 3.57
N SER B 450 -3.32 -39.84 3.31
CA SER B 450 -4.09 -40.71 2.40
C SER B 450 -5.33 -39.97 1.88
N PHE B 451 -5.86 -40.45 0.75
CA PHE B 451 -7.10 -39.91 0.20
C PHE B 451 -8.30 -40.17 1.10
N GLU B 452 -8.29 -41.31 1.79
CA GLU B 452 -9.34 -41.64 2.77
C GLU B 452 -9.32 -40.68 3.95
N GLU B 453 -8.14 -40.19 4.31
CA GLU B 453 -8.03 -39.19 5.37
C GLU B 453 -8.64 -37.85 4.91
N LEU B 454 -8.44 -37.52 3.64
CA LEU B 454 -8.96 -36.29 3.05
C LEU B 454 -10.48 -36.25 3.01
N THR B 455 -11.08 -37.36 2.55
CA THR B 455 -12.53 -37.42 2.37
C THR B 455 -13.26 -37.92 3.63
N GLY B 456 -12.57 -38.71 4.46
CA GLY B 456 -13.18 -39.34 5.63
C GLY B 456 -14.21 -40.37 5.20
N GLU B 457 -13.97 -40.97 4.03
CA GLU B 457 -14.93 -41.84 3.36
C GLU B 457 -14.16 -42.74 2.41
N LYS B 458 -14.77 -43.82 1.94
CA LYS B 458 -14.05 -44.83 1.15
C LYS B 458 -14.19 -44.71 -0.36
N GLU B 459 -15.40 -44.37 -0.81
CA GLU B 459 -15.75 -44.42 -2.23
C GLU B 459 -15.06 -43.35 -3.09
N MET B 460 -15.15 -42.09 -2.66
CA MET B 460 -14.53 -40.99 -3.40
C MET B 460 -13.01 -41.06 -3.32
N ALA B 461 -12.51 -41.46 -2.16
CA ALA B 461 -11.08 -41.62 -1.94
C ALA B 461 -10.48 -42.62 -2.91
N ALA B 462 -11.18 -43.73 -3.13
CA ALA B 462 -10.76 -44.76 -4.07
C ALA B 462 -10.70 -44.21 -5.48
N GLU B 463 -11.71 -43.41 -5.85
CA GLU B 463 -11.76 -42.77 -7.16
C GLU B 463 -10.57 -41.82 -7.36
N LEU B 464 -10.26 -41.04 -6.33
CA LEU B 464 -9.17 -40.08 -6.36
C LEU B 464 -7.80 -40.76 -6.37
N LYS B 465 -7.71 -41.91 -5.69
CA LYS B 465 -6.51 -42.72 -5.68
C LYS B 465 -6.18 -43.17 -7.09
N ALA B 466 -7.20 -43.61 -7.83
CA ALA B 466 -7.01 -44.10 -9.19
C ALA B 466 -6.61 -42.97 -10.14
N LEU B 467 -7.09 -41.76 -9.86
CA LEU B 467 -6.82 -40.61 -10.72
C LEU B 467 -5.46 -39.93 -10.45
N TYR B 468 -5.10 -39.77 -9.18
CA TYR B 468 -3.87 -39.03 -8.83
C TYR B 468 -2.67 -39.89 -8.42
N SER B 469 -2.94 -41.13 -7.99
CA SER B 469 -1.92 -42.10 -7.52
C SER B 469 -1.34 -41.74 -6.16
N ASP B 470 -0.97 -40.48 -5.99
CA ASP B 470 -0.25 -40.01 -4.83
C ASP B 470 -0.99 -38.84 -4.15
N ILE B 471 -1.20 -38.97 -2.85
CA ILE B 471 -1.87 -37.95 -2.04
C ILE B 471 -1.15 -36.59 -2.11
N ASP B 472 0.17 -36.64 -2.27
CA ASP B 472 1.00 -35.45 -2.32
C ASP B 472 0.92 -34.67 -3.63
N VAL B 473 0.19 -35.19 -4.61
CA VAL B 473 -0.07 -34.42 -5.84
C VAL B 473 -1.55 -34.10 -6.02
N MET B 474 -2.35 -34.43 -4.99
CA MET B 474 -3.76 -34.07 -5.00
C MET B 474 -3.88 -32.55 -5.10
N GLU B 475 -4.74 -32.09 -6.01
CA GLU B 475 -4.95 -30.66 -6.26
C GLU B 475 -5.78 -29.99 -5.17
N LEU B 476 -5.54 -28.69 -4.96
CA LEU B 476 -6.19 -27.91 -3.92
C LEU B 476 -7.69 -27.72 -4.15
N TYR B 477 -8.06 -27.24 -5.34
CA TYR B 477 -9.46 -26.88 -5.60
C TYR B 477 -10.45 -28.04 -5.43
N PRO B 478 -10.23 -29.19 -6.12
CA PRO B 478 -11.17 -30.30 -5.94
C PRO B 478 -11.16 -30.82 -4.52
N ALA B 479 -9.99 -30.78 -3.87
CA ALA B 479 -9.85 -31.25 -2.50
C ALA B 479 -10.78 -30.50 -1.55
N LEU B 480 -10.91 -29.19 -1.75
CA LEU B 480 -11.78 -28.34 -0.92
C LEU B 480 -13.24 -28.76 -1.05
N LEU B 481 -13.62 -29.22 -2.23
CA LEU B 481 -15.01 -29.61 -2.49
C LEU B 481 -15.32 -31.04 -2.07
N VAL B 482 -14.28 -31.88 -1.93
CA VAL B 482 -14.47 -33.27 -1.54
C VAL B 482 -14.02 -33.56 -0.11
N GLU B 483 -13.49 -32.54 0.56
CA GLU B 483 -12.94 -32.71 1.90
C GLU B 483 -13.99 -33.12 2.92
N LYS B 484 -13.62 -33.98 3.86
CA LYS B 484 -14.45 -34.34 5.01
C LYS B 484 -14.86 -33.06 5.73
N PRO B 485 -16.17 -32.78 5.76
CA PRO B 485 -16.62 -31.58 6.46
C PRO B 485 -16.51 -31.75 7.95
N ARG B 486 -16.33 -30.64 8.66
CA ARG B 486 -16.48 -30.60 10.11
C ARG B 486 -17.88 -31.09 10.49
N PRO B 487 -18.08 -31.55 11.75
CA PRO B 487 -19.36 -32.17 12.14
C PRO B 487 -20.55 -31.25 11.89
N ASP B 488 -21.42 -31.65 10.96
CA ASP B 488 -22.60 -30.87 10.56
C ASP B 488 -22.27 -29.52 9.92
N ALA B 489 -21.08 -29.41 9.34
CA ALA B 489 -20.61 -28.14 8.79
C ALA B 489 -20.56 -28.10 7.26
N ILE B 490 -20.64 -26.88 6.72
CA ILE B 490 -20.54 -26.65 5.28
C ILE B 490 -19.12 -26.88 4.72
N PHE B 491 -18.11 -26.61 5.54
CA PHE B 491 -16.71 -26.63 5.12
C PHE B 491 -15.88 -27.65 5.87
N GLY B 492 -14.77 -28.05 5.26
CA GLY B 492 -13.72 -28.81 5.96
C GLY B 492 -12.60 -27.90 6.46
N GLU B 493 -11.57 -28.51 7.04
CA GLU B 493 -10.50 -27.79 7.71
C GLU B 493 -9.64 -26.90 6.79
N THR B 494 -9.31 -27.41 5.60
CA THR B 494 -8.49 -26.65 4.66
C THR B 494 -9.15 -25.34 4.26
N MET B 495 -10.47 -25.39 3.99
CA MET B 495 -11.21 -24.21 3.56
C MET B 495 -11.13 -23.09 4.58
N VAL B 496 -11.41 -23.43 5.84
CA VAL B 496 -11.40 -22.47 6.93
C VAL B 496 -10.00 -21.92 7.21
N GLU B 497 -9.03 -22.83 7.31
CA GLU B 497 -7.66 -22.47 7.64
C GLU B 497 -6.92 -21.64 6.58
N LEU B 498 -7.30 -21.82 5.32
CA LEU B 498 -6.72 -21.01 4.24
C LEU B 498 -7.52 -19.74 4.10
N GLY B 499 -8.85 -19.87 4.16
CA GLY B 499 -9.76 -18.76 3.96
C GLY B 499 -9.65 -17.67 5.01
N ALA B 500 -9.62 -18.07 6.27
CA ALA B 500 -9.70 -17.11 7.38
C ALA B 500 -8.59 -16.05 7.39
N PRO B 501 -7.31 -16.46 7.21
CA PRO B 501 -6.24 -15.45 7.21
C PRO B 501 -6.34 -14.43 6.07
N PHE B 502 -6.77 -14.89 4.88
CA PHE B 502 -7.00 -13.98 3.75
C PHE B 502 -8.13 -12.99 4.08
N SER B 503 -9.14 -13.49 4.79
CA SER B 503 -10.30 -12.70 5.16
C SER B 503 -9.95 -11.60 6.17
N LEU B 504 -9.25 -11.99 7.23
CA LEU B 504 -8.76 -11.06 8.25
C LEU B 504 -8.02 -9.88 7.60
N LYS B 505 -7.11 -10.22 6.68
CA LYS B 505 -6.32 -9.23 5.98
C LYS B 505 -7.14 -8.27 5.14
N GLY B 506 -8.18 -8.79 4.48
CA GLY B 506 -9.01 -7.96 3.61
C GLY B 506 -9.93 -7.07 4.42
N LEU B 507 -10.36 -7.55 5.57
CA LEU B 507 -11.30 -6.81 6.42
C LEU B 507 -10.62 -5.81 7.34
N MET B 508 -9.77 -6.31 8.24
CA MET B 508 -9.04 -5.45 9.19
C MET B 508 -7.94 -4.62 8.54
N GLY B 509 -7.42 -5.08 7.41
N GLY B 509 -7.42 -5.08 7.41
CA GLY B 509 -6.37 -4.37 6.67
CA GLY B 509 -6.37 -4.37 6.67
C GLY B 509 -6.84 -3.11 5.97
C GLY B 509 -6.85 -3.14 5.91
N ASN B 510 -8.16 -2.92 5.91
CA ASN B 510 -8.76 -1.74 5.29
C ASN B 510 -8.35 -0.47 6.04
N PRO B 511 -7.99 0.59 5.29
CA PRO B 511 -7.56 1.86 5.89
C PRO B 511 -8.49 2.42 6.97
N ILE B 512 -9.81 2.19 6.84
CA ILE B 512 -10.75 2.70 7.83
C ILE B 512 -10.58 2.03 9.20
N CYS B 513 -9.85 0.93 9.24
CA CYS B 513 -9.59 0.22 10.50
C CYS B 513 -8.33 0.72 11.19
N SER B 514 -7.55 1.55 10.50
CA SER B 514 -6.33 2.11 11.06
C SER B 514 -6.67 3.21 12.07
N PRO B 515 -5.78 3.43 13.07
CA PRO B 515 -6.07 4.39 14.15
C PRO B 515 -6.31 5.83 13.70
N GLN B 516 -5.73 6.25 12.58
CA GLN B 516 -5.96 7.62 12.10
C GLN B 516 -7.31 7.78 11.40
N TYR B 517 -7.87 6.68 10.91
CA TYR B 517 -9.19 6.72 10.30
C TYR B 517 -10.32 6.35 11.26
N TRP B 518 -10.05 5.47 12.23
CA TRP B 518 -11.13 4.96 13.11
C TRP B 518 -11.50 5.94 14.23
N LYS B 519 -12.20 7.00 13.84
CA LYS B 519 -12.59 8.10 14.72
C LYS B 519 -13.94 8.59 14.24
N PRO B 520 -14.74 9.23 15.12
CA PRO B 520 -16.06 9.66 14.68
C PRO B 520 -16.02 10.69 13.55
N SER B 521 -14.98 11.53 13.50
CA SER B 521 -14.91 12.61 12.50
C SER B 521 -14.77 12.11 11.06
N THR B 522 -14.13 10.95 10.89
CA THR B 522 -13.99 10.32 9.58
C THR B 522 -15.36 10.05 8.93
N PHE B 523 -16.36 9.79 9.77
CA PHE B 523 -17.67 9.37 9.31
C PHE B 523 -18.77 10.43 9.54
N GLY B 524 -18.36 11.68 9.75
CA GLY B 524 -19.29 12.79 9.82
C GLY B 524 -19.82 13.04 11.21
N GLY B 525 -19.17 12.44 12.20
CA GLY B 525 -19.55 12.63 13.60
C GLY B 525 -20.07 11.37 14.24
N GLU B 526 -20.67 11.52 15.42
CA GLU B 526 -21.09 10.39 16.24
C GLU B 526 -22.23 9.58 15.59
N VAL B 527 -23.09 10.26 14.84
CA VAL B 527 -24.21 9.61 14.16
C VAL B 527 -23.74 8.68 13.04
N GLY B 528 -22.82 9.16 12.20
CA GLY B 528 -22.27 8.34 11.12
C GLY B 528 -21.52 7.12 11.63
N PHE B 529 -20.76 7.33 12.69
CA PHE B 529 -20.02 6.29 13.38
C PHE B 529 -20.97 5.21 13.92
N LYS B 530 -22.06 5.62 14.57
CA LYS B 530 -23.05 4.69 15.12
C LYS B 530 -23.72 3.82 14.04
N ILE B 531 -23.83 4.33 12.81
CA ILE B 531 -24.38 3.54 11.69
C ILE B 531 -23.48 2.34 11.38
N ILE B 532 -22.17 2.56 11.34
CA ILE B 532 -21.19 1.49 11.14
C ILE B 532 -21.31 0.47 12.26
N ASN B 533 -21.32 0.96 13.50
CA ASN B 533 -21.20 0.10 14.67
C ASN B 533 -22.48 -0.64 15.08
N THR B 534 -23.60 -0.32 14.44
CA THR B 534 -24.85 -1.04 14.65
C THR B 534 -25.37 -1.68 13.36
N ALA B 535 -24.57 -1.66 12.30
CA ALA B 535 -24.99 -2.28 11.04
C ALA B 535 -25.18 -3.80 11.18
N SER B 536 -26.14 -4.35 10.44
CA SER B 536 -26.36 -5.80 10.36
C SER B 536 -27.08 -6.13 9.07
N ILE B 537 -27.10 -7.40 8.69
CA ILE B 537 -27.85 -7.82 7.51
C ILE B 537 -29.35 -7.55 7.67
N GLN B 538 -29.88 -7.73 8.88
CA GLN B 538 -31.29 -7.48 9.14
C GLN B 538 -31.60 -5.99 9.03
N SER B 539 -30.73 -5.13 9.57
CA SER B 539 -30.93 -3.69 9.47
C SER B 539 -30.79 -3.19 8.02
N LEU B 540 -29.83 -3.76 7.30
CA LEU B 540 -29.65 -3.43 5.89
C LEU B 540 -30.92 -3.66 5.09
N ILE B 541 -31.54 -4.82 5.29
CA ILE B 541 -32.80 -5.15 4.64
C ILE B 541 -33.95 -4.30 5.20
N CYS B 542 -34.00 -4.17 6.52
CA CYS B 542 -35.11 -3.46 7.15
C CYS B 542 -35.17 -1.99 6.68
N ASN B 543 -34.01 -1.33 6.64
CA ASN B 543 -33.95 0.09 6.26
C ASN B 543 -34.30 0.37 4.79
N ASN B 544 -34.11 -0.63 3.93
CA ASN B 544 -34.10 -0.38 2.50
C ASN B 544 -35.11 -1.19 1.69
N VAL B 545 -35.82 -2.11 2.35
CA VAL B 545 -36.80 -2.95 1.67
C VAL B 545 -38.20 -2.78 2.25
N LYS B 546 -39.15 -2.45 1.38
CA LYS B 546 -40.55 -2.19 1.78
C LYS B 546 -41.09 -3.29 2.69
N GLY B 547 -41.70 -2.88 3.80
CA GLY B 547 -42.33 -3.81 4.75
C GLY B 547 -41.40 -4.35 5.80
N CYS B 548 -40.09 -4.09 5.64
CA CYS B 548 -39.06 -4.62 6.53
C CYS B 548 -39.23 -6.14 6.79
N PRO B 549 -38.97 -6.97 5.77
CA PRO B 549 -39.08 -8.42 5.96
C PRO B 549 -37.93 -8.94 6.80
N PHE B 550 -38.20 -9.91 7.67
CA PHE B 550 -37.16 -10.54 8.47
C PHE B 550 -36.17 -11.27 7.58
N THR B 551 -34.91 -11.24 7.96
CA THR B 551 -33.91 -11.96 7.20
C THR B 551 -32.75 -12.39 8.08
N SER B 552 -31.93 -13.26 7.51
CA SER B 552 -30.67 -13.68 8.09
C SER B 552 -29.96 -14.52 7.04
N PHE B 553 -28.85 -15.14 7.42
CA PHE B 553 -28.13 -16.02 6.52
C PHE B 553 -28.49 -17.50 6.73
N ASN B 554 -29.47 -17.78 7.58
CA ASN B 554 -29.86 -19.18 7.83
C ASN B 554 -31.33 -19.50 7.61
N VAL B 555 -31.62 -20.80 7.54
CA VAL B 555 -32.96 -21.38 7.37
C VAL B 555 -33.45 -21.21 5.95
C1 NAG C . -11.21 27.26 22.03
C2 NAG C . -11.86 28.03 23.17
C3 NAG C . -12.72 29.22 22.70
C4 NAG C . -12.11 29.98 21.51
C5 NAG C . -11.56 29.03 20.42
C6 NAG C . -12.23 29.22 19.06
C7 NAG C . -12.21 26.68 25.17
C8 NAG C . -13.16 25.85 25.98
N2 NAG C . -12.67 27.16 24.00
O3 NAG C . -12.89 30.11 23.77
O4 NAG C . -13.12 30.86 21.03
O5 NAG C . -11.72 27.66 20.76
O6 NAG C . -11.37 29.93 18.21
O7 NAG C . -11.06 26.88 25.59
C1 NAG C . -12.71 32.25 20.87
C2 NAG C . -13.93 33.14 21.18
C3 NAG C . -13.60 34.60 20.90
C4 NAG C . -12.40 35.00 21.75
C5 NAG C . -11.23 34.07 21.44
C6 NAG C . -9.97 34.41 22.25
C7 NAG C . -16.14 32.08 21.07
C8 NAG C . -16.14 31.90 22.57
N2 NAG C . -15.12 32.69 20.48
O3 NAG C . -14.71 35.43 21.17
O4 NAG C . -12.06 36.35 21.51
O5 NAG C . -11.60 32.69 21.63
O6 NAG C . -10.10 33.96 23.59
O7 NAG C . -17.11 31.67 20.42
C1 NAG D . -7.05 10.74 -9.65
C2 NAG D . -7.80 9.94 -10.70
C3 NAG D . -7.86 10.70 -12.02
C4 NAG D . -8.34 12.14 -11.84
C5 NAG D . -7.52 12.83 -10.75
C6 NAG D . -8.04 14.22 -10.42
C7 NAG D . -7.72 7.52 -10.95
C8 NAG D . -6.87 6.37 -11.41
N2 NAG D . -7.11 8.69 -10.92
O3 NAG D . -8.72 10.01 -12.91
O4 NAG D . -8.21 12.79 -13.09
O5 NAG D . -7.51 12.07 -9.56
O6 NAG D . -9.34 14.13 -9.87
O7 NAG D . -8.90 7.36 -10.62
C1 NAG D . -9.45 13.35 -13.54
C2 NAG D . -9.15 14.50 -14.48
C3 NAG D . -10.42 15.09 -15.09
C4 NAG D . -11.43 14.03 -15.55
C5 NAG D . -11.55 12.89 -14.53
C6 NAG D . -12.38 11.70 -15.04
C7 NAG D . -7.17 15.83 -13.90
C8 NAG D . -6.42 15.13 -14.99
N2 NAG D . -8.47 15.56 -13.77
O3 NAG D . -10.03 15.88 -16.18
O4 NAG D . -12.68 14.68 -15.75
O5 NAG D . -10.25 12.40 -14.21
O6 NAG D . -11.56 10.77 -15.71
O7 NAG D . -6.59 16.62 -13.16
C1 MAN D . -13.25 14.42 -17.06
C2 MAN D . -12.33 14.94 -18.17
C3 MAN D . -13.00 16.07 -18.96
C4 MAN D . -14.33 15.60 -19.53
C5 MAN D . -15.19 14.86 -18.49
C6 MAN D . -15.54 13.44 -18.92
O2 MAN D . -11.97 13.87 -19.01
O3 MAN D . -12.14 16.51 -20.00
O4 MAN D . -15.02 16.71 -20.03
O5 MAN D . -14.60 14.89 -17.19
O6 MAN D . -16.93 13.26 -18.90
C1 NAG E . 16.81 -32.34 2.68
C2 NAG E . 17.58 -33.55 3.23
C3 NAG E . 18.14 -34.46 2.13
C4 NAG E . 17.21 -34.67 0.93
C5 NAG E . 16.53 -33.35 0.53
C6 NAG E . 15.48 -33.54 -0.56
C7 NAG E . 18.60 -33.27 5.43
C8 NAG E . 19.73 -32.66 6.23
N2 NAG E . 18.65 -33.13 4.11
O3 NAG E . 18.45 -35.70 2.72
O4 NAG E . 17.92 -35.17 -0.20
O5 NAG E . 15.92 -32.74 1.66
O6 NAG E . 14.19 -33.67 0.01
O7 NAG E . 17.69 -33.87 6.02
C1 NDG E . 17.87 -36.59 -0.31
C2 NDG E . 17.54 -37.03 -1.72
C3 NDG E . 17.44 -38.54 -1.77
C4 NDG E . 17.92 -39.16 -0.48
C5 NDG E . 17.22 -38.56 0.75
C6 NDG E . 18.12 -38.70 1.97
C7 NDG E . 16.09 -36.08 -3.42
C8 NDG E . 14.74 -35.57 -3.79
O5 NDG E . 16.95 -37.20 0.57
O3 NDG E . 18.21 -39.03 -2.83
O4 NDG E . 17.69 -40.54 -0.57
O6 NDG E . 19.44 -38.65 1.53
O7 NDG E . 16.99 -36.11 -4.26
N2 NDG E . 16.26 -36.50 -2.17
C1 NAG F . 1.85 -5.11 -14.77
C2 NAG F . 2.02 -3.93 -15.73
C3 NAG F . 1.37 -4.21 -17.08
C4 NAG F . 1.80 -5.57 -17.63
C5 NAG F . 1.50 -6.65 -16.59
C6 NAG F . 1.96 -8.04 -17.02
C7 NAG F . 2.27 -1.62 -14.94
C8 NAG F . 1.61 -0.47 -14.24
N2 NAG F . 1.51 -2.71 -15.14
O3 NAG F . 1.73 -3.18 -17.97
O4 NAG F . 1.09 -5.86 -18.82
O5 NAG F . 2.17 -6.34 -15.39
O6 NAG F . 3.23 -7.98 -17.66
O7 NAG F . 3.45 -1.55 -15.31
C1 NAG F . 1.94 -5.94 -19.98
C2 NAG F . 1.17 -6.62 -21.11
C3 NAG F . 1.90 -6.58 -22.45
C4 NAG F . 2.44 -5.20 -22.75
C5 NAG F . 3.26 -4.75 -21.54
C6 NAG F . 3.97 -3.41 -21.74
C7 NAG F . -0.28 -8.48 -20.53
C8 NAG F . -1.46 -7.67 -20.99
N2 NAG F . 0.92 -8.00 -20.77
O3 NAG F . 1.01 -6.97 -23.48
O4 NAG F . 3.21 -5.24 -23.94
O5 NAG F . 2.39 -4.67 -20.42
O6 NAG F . 3.02 -2.37 -21.85
O7 NAG F . -0.45 -9.56 -19.96
C1 EPA G . 15.78 11.87 2.41
OA EPA G . 15.54 12.27 1.25
OB EPA G . 15.28 10.81 2.86
C2 EPA G . 16.70 12.69 3.29
C3 EPA G . 15.83 13.50 4.22
C4 EPA G . 16.49 14.82 4.59
C5 EPA G . 15.47 15.94 4.50
C6 EPA G . 15.12 16.63 5.57
C7 EPA G . 15.67 16.32 6.94
C8 EPA G . 16.87 17.20 7.23
C9 EPA G . 17.97 16.74 7.82
C10 EPA G . 18.11 15.31 8.27
C11 EPA G . 18.98 15.30 9.50
C12 EPA G . 18.75 14.51 10.55
C13 EPA G . 17.61 13.52 10.62
C14 EPA G . 17.74 12.80 11.96
C15 EPA G . 17.63 11.48 12.11
C16 EPA G . 17.36 10.53 10.99
C17 EPA G . 15.88 10.15 10.99
C18 EPA G . 15.30 9.46 10.00
C19 EPA G . 16.07 8.96 8.79
C20 EPA G . 16.25 7.46 8.85
CA AKR H . 7.91 40.28 15.49
CB AKR H . 6.65 40.80 15.24
C AKR H . 9.10 40.78 14.96
O AKR H . 9.06 41.78 14.20
OXT AKR H . 10.16 40.22 15.27
CA AKR I . 8.41 6.31 -21.77
CB AKR I . 7.36 5.78 -21.00
C AKR I . 8.83 5.73 -22.98
O AKR I . 8.28 4.70 -23.40
OXT AKR I . 9.77 6.30 -23.57
CO COH J . 15.63 21.80 -8.78
CHA COH J . 12.22 21.63 -8.85
CHB COH J . 15.59 23.22 -11.96
CHC COH J . 19.09 21.79 -8.86
CHD COH J . 15.72 20.30 -5.67
NA COH J . 14.17 22.31 -10.18
C1A COH J . 12.80 22.20 -9.96
C2A COH J . 12.12 22.77 -11.11
C3A COH J . 13.06 23.21 -11.97
C4A COH J . 14.36 22.94 -11.40
CMA COH J . 12.79 23.90 -13.34
CAA COH J . 10.59 22.87 -11.31
CBA COH J . 9.96 21.49 -11.56
CGA COH J . 10.69 20.70 -12.62
O1A COH J . 10.76 21.17 -13.78
O2A COH J . 11.22 19.60 -12.30
NB COH J . 17.09 22.38 -10.18
C1B COH J . 16.85 22.98 -11.41
C2B COH J . 18.13 23.31 -12.00
C3B COH J . 19.10 22.91 -11.15
C4B COH J . 18.46 22.32 -9.98
CMB COH J . 18.36 23.99 -13.37
CAB COH J . 20.62 23.08 -11.40
CBB COH J . 21.44 22.03 -11.39
NC COH J . 17.14 21.14 -7.49
C1C COH J . 18.50 21.28 -7.70
C2C COH J . 19.18 20.79 -6.50
C3C COH J . 18.25 20.38 -5.63
C4C COH J . 16.94 20.59 -6.24
CMC COH J . 20.71 20.74 -6.27
CAC COH J . 18.51 19.80 -4.22
CBC COH J . 17.87 18.70 -3.79
ND COH J . 14.16 21.15 -7.38
C1D COH J . 14.48 20.34 -6.29
C2D COH J . 13.32 19.57 -5.94
C3D COH J . 12.24 19.97 -6.93
C4D COH J . 12.84 20.97 -7.79
CMD COH J . 13.21 18.53 -4.80
CAD COH J . 10.79 19.44 -6.99
CBD COH J . 10.75 18.32 -8.03
CGD COH J . 9.40 18.27 -8.68
O1D COH J . 8.44 18.83 -8.10
O2D COH J . 9.30 17.68 -9.78
C1 NAG K . 29.47 22.96 -23.68
C2 NAG K . 29.55 24.45 -24.02
C3 NAG K . 30.91 24.90 -24.59
C4 NAG K . 32.08 24.26 -23.84
C5 NAG K . 31.88 22.74 -23.83
C6 NAG K . 33.04 22.01 -23.14
C7 NAG K . 27.51 25.62 -24.68
C8 NAG K . 26.40 25.72 -25.69
N2 NAG K . 28.50 24.77 -24.96
O3 NAG K . 31.05 26.31 -24.54
O4 NAG K . 33.32 24.61 -24.44
O5 NAG K . 30.68 22.47 -23.11
O6 NAG K . 32.74 20.63 -23.02
O7 NAG K . 27.47 26.31 -23.65
C1 BOG L . 16.27 44.47 -0.24
O1 BOG L . 15.45 43.73 -1.13
C2 BOG L . 15.89 44.18 1.21
O2 BOG L . 14.53 44.57 1.47
C3 BOG L . 16.82 44.95 2.14
O3 BOG L . 16.56 44.53 3.49
C4 BOG L . 18.29 44.71 1.79
O4 BOG L . 19.12 45.64 2.49
C5 BOG L . 18.56 44.85 0.29
O5 BOG L . 17.62 44.08 -0.46
C6 BOG L . 19.97 44.37 -0.05
O6 BOG L . 20.11 42.99 0.33
C1' BOG L . 15.24 44.45 -2.35
C2' BOG L . 15.62 43.56 -3.54
C3' BOG L . 17.12 43.68 -3.84
C4' BOG L . 17.38 43.50 -5.33
C5' BOG L . 17.93 42.11 -5.62
C6' BOG L . 18.55 41.50 -4.37
C7' BOG L . 19.21 40.17 -4.70
C8' BOG L . 20.51 40.37 -5.44
C1 EDO M . 21.07 20.04 10.33
O1 EDO M . 21.70 21.09 9.60
C2 EDO M . 21.00 20.41 11.82
O2 EDO M . 19.92 21.31 12.07
C1 EDO N . -3.14 29.49 1.45
O1 EDO N . -4.10 30.14 0.63
C2 EDO N . -1.75 30.04 1.18
O2 EDO N . -0.81 28.96 1.33
C1 EDO O . -7.71 30.48 1.39
O1 EDO O . -6.95 30.15 0.24
C2 EDO O . -8.61 31.68 1.09
O2 EDO O . -9.63 31.26 0.16
C1 EDO P . -13.26 12.44 22.96
O1 EDO P . -12.19 12.85 23.80
C2 EDO P . -13.25 13.26 21.67
O2 EDO P . -14.07 12.64 20.68
C1 EDO Q . 20.22 51.36 2.20
O1 EDO Q . 21.12 51.23 3.31
C2 EDO Q . 18.80 51.16 2.70
O2 EDO Q . 17.89 51.70 1.72
C1 EPA R . -13.14 -17.80 11.24
OA EPA R . -13.36 -17.36 12.39
OB EPA R . -12.47 -17.15 10.41
C2 EPA R . -13.67 -19.17 10.84
C3 EPA R . -14.95 -19.07 10.03
C4 EPA R . -14.70 -18.56 8.61
C5 EPA R . -15.25 -19.55 7.61
C6 EPA R . -14.68 -19.75 6.41
C7 EPA R . -13.45 -19.02 5.94
C8 EPA R . -13.38 -19.14 4.42
C9 EPA R . -13.31 -18.10 3.57
C10 EPA R . -13.29 -16.64 3.96
C11 EPA R . -14.64 -16.24 4.49
C12 EPA R . -15.20 -15.05 4.28
C13 EPA R . -14.51 -13.96 3.49
C14 EPA R . -14.68 -12.74 4.33
C15 EPA R . -14.02 -11.61 4.08
C16 EPA R . -13.05 -11.43 2.94
C17 EPA R . -12.26 -10.19 3.29
C18 EPA R . -11.36 -9.61 2.52
C19 EPA R . -10.94 -10.09 1.15
C20 EPA R . -10.57 -8.89 0.32
CA AKR S . -4.70 -43.85 0.45
CB AKR S . -3.55 -43.89 -0.35
C AKR S . -6.00 -43.99 -0.04
O AKR S . -6.18 -44.17 -1.27
OXT AKR S . -6.93 -43.92 0.79
CA AKR T . -17.89 4.22 -19.58
CB AKR T . -18.46 3.80 -20.78
C AKR T . -17.78 3.38 -18.47
O AKR T . -18.21 2.21 -18.55
OXT AKR T . -17.25 3.86 -17.45
CO COH U . -19.55 -17.86 -9.99
CHA COH U . -16.50 -17.47 -11.47
CHB COH U . -21.03 -18.17 -13.12
CHC COH U . -22.66 -18.15 -8.50
CHD COH U . -18.10 -17.73 -6.83
NA COH U . -18.88 -17.86 -11.96
C1A COH U . -17.56 -17.61 -12.33
C2A COH U . -17.54 -17.54 -13.79
C3A COH U . -18.78 -17.74 -14.25
C4A COH U . -19.66 -17.94 -13.10
CMA COH U . -19.24 -17.75 -15.73
CAA COH U . -16.25 -17.30 -14.64
CBA COH U . -15.73 -18.65 -15.13
CGA COH U . -14.24 -18.85 -14.89
O1A COH U . -13.47 -18.82 -15.88
O2A COH U . -13.84 -19.05 -13.71
NB COH U . -21.51 -18.16 -10.69
C1B COH U . -21.88 -18.18 -12.03
C2B COH U . -23.33 -18.21 -12.06
C3B COH U . -23.79 -18.20 -10.80
C4B COH U . -22.64 -18.17 -9.90
CMB COH U . -24.20 -18.24 -13.35
CAB COH U . -25.28 -18.22 -10.39
CBB COH U . -25.78 -17.22 -9.66
NC COH U . -20.26 -17.93 -8.00
C1C COH U . -21.58 -18.06 -7.63
C2C COH U . -21.62 -18.06 -6.17
C3C COH U . -20.36 -17.95 -5.71
C4C COH U . -19.48 -17.86 -6.86
CMC COH U . -22.89 -18.19 -5.29
CAC COH U . -19.92 -17.90 -4.23
CBC COH U . -19.16 -16.90 -3.77
ND COH U . -17.54 -17.75 -9.24
C1D COH U . -17.30 -17.41 -7.91
C2D COH U . -16.05 -16.68 -7.84
C3D COH U . -15.55 -16.60 -9.29
C4D COH U . -16.54 -17.29 -10.09
CMD COH U . -15.38 -16.09 -6.58
CAD COH U . -14.27 -15.90 -9.81
CBD COH U . -14.73 -14.57 -10.40
CGD COH U . -13.60 -13.80 -11.02
O1D COH U . -12.41 -14.12 -10.73
O2D COH U . -13.87 -12.86 -11.82
C1 NAG V . -37.71 -13.98 -17.64
C2 NAG V . -37.99 -15.15 -18.60
C3 NAG V . -39.48 -15.37 -18.87
C4 NAG V . -40.32 -15.23 -17.59
C5 NAG V . -39.95 -13.95 -16.85
C6 NAG V . -40.76 -13.76 -15.57
C7 NAG V . -36.62 -15.95 -20.47
C8 NAG V . -36.43 -15.76 -21.95
N2 NAG V . -37.28 -14.97 -19.86
O3 NAG V . -39.64 -16.65 -19.43
O4 NAG V . -41.70 -15.23 -17.91
O5 NAG V . -38.57 -13.99 -16.52
O6 NAG V . -40.75 -12.38 -15.23
O7 NAG V . -36.17 -16.96 -19.91
C1 BOG W . -21.72 -35.43 -17.79
O1 BOG W . -21.55 -36.61 -16.99
C2 BOG W . -21.73 -35.82 -19.27
O2 BOG W . -20.51 -36.49 -19.62
C3 BOG W . -21.86 -34.57 -20.13
O3 BOG W . -22.05 -34.98 -21.49
C4 BOG W . -23.06 -33.74 -19.69
O4 BOG W . -22.96 -32.46 -20.32
C5 BOG W . -23.14 -33.55 -18.18
O5 BOG W . -22.95 -34.79 -17.48
C6 BOG W . -24.51 -32.98 -17.81
O6 BOG W . -25.19 -32.47 -18.97
C1' BOG W . -22.07 -36.49 -15.67
C2' BOG W . -22.39 -37.87 -15.13
C3' BOG W . -21.78 -38.10 -13.74
C4' BOG W . -22.56 -37.34 -12.68
C5' BOG W . -23.96 -37.93 -12.49
C6' BOG W . -25.03 -37.07 -13.16
C7' BOG W . -26.17 -36.78 -12.17
C8' BOG W . -27.47 -36.55 -12.91
C1 EDO X . -16.41 -25.18 9.99
O1 EDO X . -15.67 -26.07 9.15
C2 EDO X . -17.22 -24.20 9.13
O2 EDO X . -17.96 -24.90 8.12
C1 EDO Y . -33.80 8.32 -2.53
O1 EDO Y . -33.09 9.55 -2.43
C2 EDO Y . -33.46 7.67 -3.86
O2 EDO Y . -32.78 6.45 -3.58
C1 EDO Z . 1.03 -27.34 -11.97
O1 EDO Z . 1.15 -27.42 -13.38
C2 EDO Z . -0.22 -28.10 -11.54
O2 EDO Z . -1.12 -27.19 -10.93
#